data_8F5I
#
_entry.id   8F5I
#
_cell.length_a   56.680
_cell.length_b   76.360
_cell.length_c   79.020
_cell.angle_alpha   71.60
_cell.angle_beta   69.99
_cell.angle_gamma   88.30
#
_symmetry.space_group_name_H-M   'P 1'
#
loop_
_entity.id
_entity.type
_entity.pdbx_description
1 polymer 'Specialized acyl carrier protein'
2 polymer 'DH1057.1 HC'
3 polymer 'DH1057.1 LC'
4 branched alpha-D-mannopyranose-(1-3)-[alpha-D-mannopyranose-(1-6)]beta-D-mannopyranose-(1-4)-2-acetamido-2-deoxy-beta-D-glucopyranose-(1-4)-2-acetamido-2-deoxy-beta-D-glucopyranose
5 branched alpha-D-mannopyranose-(1-3)-beta-D-mannopyranose-(1-4)-2-acetamido-2-deoxy-beta-D-glucopyranose-(1-4)-2-acetamido-2-deoxy-beta-D-glucopyranose
6 water water
#
loop_
_entity_poly.entity_id
_entity_poly.type
_entity_poly.pdbx_seq_one_letter_code
_entity_poly.pdbx_strand_id
1 'polypeptide(L)'
;MTSTFDRVATIIAETADIPRETITPESHAIDDLGIDELDFLDIAFAIDKAFGISLPLFKWELDVYFGSATTEQYFVLKNL
AARIDELVAAKGALEHHHHHH
;
A,B
2 'polypeptide(L)'
;EVQLVESGTEVKKPGASVKVSCKTSGYIFTNYYIHWVRQAPGQGLEWMGIFNPNGGGTSYAQKFQGRITLTGNTSANTGY
MVLRSLTSEDTAVYYCARDPRTSGDNDGFDMWGQGTKVTVSSASTKGPSVFPLAPSSKSTSGGTAALGCLVKDYFPEPVT
VSWNSGALTSGVHTFPAVLQSSGLYSLSSVVTVPSSSLGTQTYICNVNHKPSNTKVDKKVEPKSCDK
;
H,X
3 'polypeptide(L)'
;VLTQSPATLSLSPGERATLSCRASQSLSSYNYLAWYQQKPGQAPRLLIYAASKRATGIPARFSGSGSGTDFTLTISSLEP
EDFAVYFCQQRSNRPPAWTFGQGTKVEIKRTVAAPSVFIFPPSDEQLKSGTASVVCLLNNFYPREAKVQWKVDNALQSGN
SQESVTEQDSKDSTYSLSSTLTLSKADYEKHKVYACEVTHQGLSSPVTKSFNRGEC
;
L,Y
#
loop_
_chem_comp.id
_chem_comp.type
_chem_comp.name
_chem_comp.formula
BMA D-saccharide, beta linking beta-D-mannopyranose 'C6 H12 O6'
MAN D-saccharide, alpha linking alpha-D-mannopyranose 'C6 H12 O6'
NAG D-saccharide, beta linking 2-acetamido-2-deoxy-beta-D-glucopyranose 'C8 H15 N O6'
#
# COMPACT_ATOMS: atom_id res chain seq x y z
N THR A 2 -30.17 -6.20 -44.82
CA THR A 2 -29.63 -4.85 -44.86
C THR A 2 -28.26 -4.81 -44.17
N SER A 3 -27.50 -3.75 -44.41
CA SER A 3 -26.18 -3.63 -43.82
C SER A 3 -26.27 -3.34 -42.32
N THR A 4 -25.39 -3.98 -41.56
CA THR A 4 -25.35 -3.72 -40.12
C THR A 4 -25.02 -2.26 -39.82
N PHE A 5 -24.22 -1.62 -40.69
CA PHE A 5 -23.91 -0.21 -40.48
C PHE A 5 -25.19 0.64 -40.48
N ASP A 6 -26.08 0.42 -41.45
CA ASP A 6 -27.25 1.27 -41.57
C ASP A 6 -28.21 1.07 -40.40
N ARG A 7 -28.27 -0.15 -39.85
CA ARG A 7 -29.03 -0.35 -38.61
C ARG A 7 -28.44 0.49 -37.48
N VAL A 8 -27.11 0.53 -37.38
CA VAL A 8 -26.45 1.29 -36.32
C VAL A 8 -26.63 2.79 -36.53
N ALA A 9 -26.55 3.25 -37.78
CA ALA A 9 -26.70 4.67 -38.05
C ALA A 9 -28.11 5.16 -37.70
N THR A 10 -29.12 4.34 -38.00
CA THR A 10 -30.50 4.69 -37.65
C THR A 10 -30.65 4.79 -36.13
N ILE A 11 -30.03 3.86 -35.39
CA ILE A 11 -30.13 3.87 -33.94
C ILE A 11 -29.49 5.12 -33.36
N ILE A 12 -28.34 5.52 -33.91
CA ILE A 12 -27.64 6.70 -33.43
C ILE A 12 -28.46 7.96 -33.71
N ALA A 13 -29.09 8.04 -34.89
CA ALA A 13 -29.90 9.21 -35.22
C ALA A 13 -31.16 9.30 -34.36
N GLU A 14 -31.71 8.15 -33.96
CA GLU A 14 -32.91 8.14 -33.13
C GLU A 14 -32.64 8.51 -31.68
N THR A 15 -31.41 8.38 -31.22
CA THR A 15 -31.09 8.52 -29.80
C THR A 15 -30.47 9.87 -29.46
N ALA A 16 -29.59 10.41 -30.29
CA ALA A 16 -28.88 11.65 -29.98
C ALA A 16 -29.20 12.73 -31.01
N ASP A 17 -28.80 13.96 -30.67
CA ASP A 17 -28.99 15.11 -31.55
C ASP A 17 -28.00 15.05 -32.71
N ILE A 18 -28.20 14.10 -33.62
CA ILE A 18 -27.32 13.88 -34.76
C ILE A 18 -28.16 13.61 -36.00
N PRO A 19 -28.05 14.39 -37.07
CA PRO A 19 -28.80 14.09 -38.29
C PRO A 19 -28.27 12.83 -38.97
N ARG A 20 -29.16 12.07 -39.59
CA ARG A 20 -28.80 10.74 -40.09
C ARG A 20 -27.76 10.81 -41.21
N GLU A 21 -27.74 11.90 -41.98
CA GLU A 21 -26.87 12.00 -43.14
C GLU A 21 -25.47 12.52 -42.81
N THR A 22 -25.20 12.89 -41.56
CA THR A 22 -23.83 13.16 -41.13
C THR A 22 -23.18 11.92 -40.53
N ILE A 23 -23.88 10.80 -40.48
CA ILE A 23 -23.34 9.55 -39.98
C ILE A 23 -22.83 8.74 -41.16
N THR A 24 -21.52 8.50 -41.19
CA THR A 24 -20.86 7.82 -42.30
C THR A 24 -20.10 6.60 -41.78
N PRO A 25 -19.83 5.61 -42.65
CA PRO A 25 -19.07 4.43 -42.19
C PRO A 25 -17.68 4.75 -41.69
N GLU A 26 -17.04 5.79 -42.22
CA GLU A 26 -15.69 6.14 -41.82
C GLU A 26 -15.65 7.05 -40.59
N SER A 27 -16.79 7.28 -39.94
CA SER A 27 -16.84 8.18 -38.80
C SER A 27 -16.45 7.45 -37.52
N HIS A 28 -15.56 8.05 -36.75
CA HIS A 28 -15.31 7.62 -35.38
C HIS A 28 -16.46 8.11 -34.50
N ALA A 29 -17.05 7.20 -33.73
CA ALA A 29 -18.29 7.54 -33.01
C ALA A 29 -18.05 8.65 -32.00
N ILE A 30 -16.91 8.65 -31.33
CA ILE A 30 -16.63 9.69 -30.34
C ILE A 30 -16.07 10.93 -31.03
N ASP A 31 -14.92 10.78 -31.69
CA ASP A 31 -14.16 11.95 -32.11
C ASP A 31 -14.81 12.67 -33.28
N ASP A 32 -15.49 11.96 -34.18
CA ASP A 32 -16.00 12.57 -35.40
C ASP A 32 -17.44 13.09 -35.27
N LEU A 33 -18.23 12.56 -34.34
CA LEU A 33 -19.63 12.94 -34.22
C LEU A 33 -19.97 13.63 -32.92
N GLY A 34 -19.01 13.82 -32.02
CA GLY A 34 -19.24 14.59 -30.80
C GLY A 34 -20.22 13.96 -29.84
N ILE A 35 -20.16 12.65 -29.65
CA ILE A 35 -21.05 11.93 -28.75
C ILE A 35 -20.41 11.86 -27.38
N ASP A 36 -21.16 12.29 -26.36
CA ASP A 36 -20.69 12.24 -24.99
C ASP A 36 -20.65 10.80 -24.48
N GLU A 37 -20.23 10.63 -23.22
CA GLU A 37 -20.21 9.31 -22.62
C GLU A 37 -21.62 8.76 -22.45
N LEU A 38 -22.51 9.57 -21.87
CA LEU A 38 -23.84 9.08 -21.51
C LEU A 38 -24.70 8.85 -22.75
N ASP A 39 -24.60 9.73 -23.75
CA ASP A 39 -25.32 9.50 -25.00
C ASP A 39 -24.87 8.18 -25.65
N PHE A 40 -23.57 7.88 -25.58
CA PHE A 40 -23.09 6.63 -26.15
C PHE A 40 -23.59 5.42 -25.37
N LEU A 41 -23.78 5.57 -24.06
CA LEU A 41 -24.33 4.46 -23.28
C LEU A 41 -25.79 4.20 -23.65
N ASP A 42 -26.58 5.25 -23.86
CA ASP A 42 -27.94 5.06 -24.34
C ASP A 42 -27.95 4.45 -25.73
N ILE A 43 -26.96 4.82 -26.57
CA ILE A 43 -26.82 4.19 -27.88
C ILE A 43 -26.42 2.73 -27.74
N ALA A 44 -25.46 2.43 -26.85
CA ALA A 44 -25.07 1.05 -26.62
C ALA A 44 -26.25 0.21 -26.15
N PHE A 45 -27.03 0.73 -25.21
CA PHE A 45 -28.23 0.06 -24.74
C PHE A 45 -29.16 -0.28 -25.91
N ALA A 46 -29.40 0.69 -26.79
CA ALA A 46 -30.28 0.47 -27.93
C ALA A 46 -29.67 -0.53 -28.92
N ILE A 47 -28.35 -0.47 -29.12
CA ILE A 47 -27.70 -1.48 -29.95
C ILE A 47 -27.84 -2.85 -29.31
N ASP A 48 -27.63 -2.93 -27.99
CA ASP A 48 -27.73 -4.19 -27.28
C ASP A 48 -29.10 -4.82 -27.44
N LYS A 49 -30.16 -4.01 -27.38
CA LYS A 49 -31.51 -4.55 -27.54
C LYS A 49 -31.80 -4.90 -29.00
N ALA A 50 -31.33 -4.06 -29.93
CA ALA A 50 -31.66 -4.27 -31.34
C ALA A 50 -30.99 -5.53 -31.90
N PHE A 51 -29.84 -5.92 -31.36
CA PHE A 51 -29.09 -7.07 -31.87
C PHE A 51 -29.05 -8.24 -30.90
N GLY A 52 -29.50 -8.07 -29.67
CA GLY A 52 -29.48 -9.14 -28.69
C GLY A 52 -28.10 -9.48 -28.18
N ILE A 53 -27.26 -8.46 -27.97
CA ILE A 53 -25.89 -8.63 -27.54
C ILE A 53 -25.61 -7.64 -26.41
N SER A 54 -24.40 -7.72 -25.87
CA SER A 54 -23.93 -6.76 -24.86
C SER A 54 -22.57 -6.26 -25.30
N LEU A 55 -22.52 -5.02 -25.80
CA LEU A 55 -21.25 -4.43 -26.19
C LEU A 55 -20.32 -4.40 -24.99
N PRO A 56 -19.15 -5.03 -25.06
CA PRO A 56 -18.20 -5.01 -23.93
C PRO A 56 -17.33 -3.76 -23.96
N LEU A 57 -17.95 -2.63 -23.63
CA LEU A 57 -17.28 -1.33 -23.79
C LEU A 57 -16.03 -1.24 -22.92
N PHE A 58 -16.14 -1.61 -21.64
CA PHE A 58 -14.97 -1.56 -20.77
C PHE A 58 -13.86 -2.45 -21.31
N LYS A 59 -14.20 -3.68 -21.71
CA LYS A 59 -13.17 -4.60 -22.17
C LYS A 59 -12.55 -4.14 -23.48
N TRP A 60 -13.33 -3.49 -24.35
CA TRP A 60 -12.76 -2.90 -25.56
C TRP A 60 -11.79 -1.76 -25.23
N GLU A 61 -12.16 -0.91 -24.26
CA GLU A 61 -11.23 0.14 -23.81
C GLU A 61 -9.95 -0.47 -23.25
N LEU A 62 -10.11 -1.51 -22.43
CA LEU A 62 -8.95 -2.17 -21.84
C LEU A 62 -8.06 -2.75 -22.93
N ASP A 63 -8.68 -3.36 -23.95
CA ASP A 63 -7.94 -3.89 -25.08
C ASP A 63 -7.10 -2.81 -25.74
N VAL A 64 -7.69 -1.62 -25.94
CA VAL A 64 -6.97 -0.51 -26.54
C VAL A 64 -5.84 -0.04 -25.63
N TYR A 65 -6.07 -0.02 -24.32
CA TYR A 65 -5.03 0.40 -23.38
C TYR A 65 -3.76 -0.43 -23.54
N PHE A 66 -3.91 -1.75 -23.62
CA PHE A 66 -2.76 -2.62 -23.73
C PHE A 66 -2.10 -2.57 -25.11
N GLY A 67 -2.68 -1.86 -26.07
CA GLY A 67 -2.17 -1.89 -27.42
C GLY A 67 -2.55 -3.11 -28.21
N SER A 68 -3.30 -4.05 -27.61
CA SER A 68 -3.80 -5.23 -28.30
C SER A 68 -4.82 -4.90 -29.37
N ALA A 69 -5.29 -3.66 -29.44
CA ALA A 69 -6.33 -3.27 -30.36
C ALA A 69 -6.26 -1.77 -30.57
N THR A 70 -6.87 -1.31 -31.67
CA THR A 70 -6.92 0.10 -31.97
C THR A 70 -8.29 0.66 -31.64
N THR A 71 -8.33 1.96 -31.33
CA THR A 71 -9.61 2.64 -31.15
C THR A 71 -10.46 2.58 -32.42
N GLU A 72 -9.82 2.48 -33.58
CA GLU A 72 -10.55 2.44 -34.85
C GLU A 72 -11.29 1.13 -35.06
N GLN A 73 -10.72 0.01 -34.58
CA GLN A 73 -11.35 -1.28 -34.84
C GLN A 73 -12.63 -1.48 -34.03
N TYR A 74 -12.93 -0.58 -33.09
CA TYR A 74 -14.13 -0.69 -32.28
C TYR A 74 -15.11 0.45 -32.47
N PHE A 75 -14.63 1.67 -32.73
CA PHE A 75 -15.50 2.84 -32.69
C PHE A 75 -15.59 3.62 -34.00
N VAL A 76 -14.80 3.29 -35.01
CA VAL A 76 -15.15 3.68 -36.36
C VAL A 76 -16.33 2.84 -36.80
N LEU A 77 -17.38 3.50 -37.31
CA LEU A 77 -18.68 2.86 -37.38
C LEU A 77 -18.69 1.66 -38.33
N LYS A 78 -17.95 1.77 -39.43
CA LYS A 78 -17.81 0.64 -40.34
C LYS A 78 -17.25 -0.58 -39.61
N ASN A 79 -16.30 -0.37 -38.70
CA ASN A 79 -15.74 -1.46 -37.91
C ASN A 79 -16.67 -1.89 -36.77
N LEU A 80 -17.35 -0.93 -36.14
CA LEU A 80 -18.29 -1.29 -35.08
C LEU A 80 -19.37 -2.24 -35.60
N ALA A 81 -19.81 -2.03 -36.84
CA ALA A 81 -20.75 -2.96 -37.46
C ALA A 81 -20.16 -4.36 -37.51
N ALA A 82 -18.91 -4.49 -37.97
CA ALA A 82 -18.23 -5.78 -37.98
C ALA A 82 -18.16 -6.39 -36.58
N ARG A 83 -17.81 -5.59 -35.57
CA ARG A 83 -17.76 -6.09 -34.19
C ARG A 83 -19.12 -6.59 -33.73
N ILE A 84 -20.19 -5.87 -34.10
CA ILE A 84 -21.54 -6.29 -33.72
C ILE A 84 -21.88 -7.62 -34.37
N ASP A 85 -21.58 -7.78 -35.66
CA ASP A 85 -21.86 -9.03 -36.36
C ASP A 85 -21.12 -10.20 -35.72
N GLU A 86 -19.87 -9.97 -35.31
CA GLU A 86 -19.11 -11.01 -34.62
C GLU A 86 -19.74 -11.35 -33.28
N LEU A 87 -20.25 -10.34 -32.55
CA LEU A 87 -20.91 -10.59 -31.28
C LEU A 87 -22.20 -11.37 -31.47
N VAL A 88 -22.91 -11.11 -32.57
CA VAL A 88 -24.14 -11.84 -32.86
C VAL A 88 -23.82 -13.30 -33.18
N ALA A 89 -22.70 -13.54 -33.87
CA ALA A 89 -22.31 -14.92 -34.17
C ALA A 89 -21.79 -15.62 -32.93
N ALA A 90 -21.16 -14.89 -32.02
CA ALA A 90 -20.58 -15.52 -30.83
C ALA A 90 -21.67 -16.07 -29.90
N LYS A 91 -22.79 -15.37 -29.81
CA LYS A 91 -23.90 -15.86 -28.98
C LYS A 91 -24.61 -17.06 -29.62
N GLY A 92 -24.40 -17.30 -30.90
CA GLY A 92 -25.07 -18.38 -31.60
C GLY A 92 -24.63 -19.76 -31.15
N THR B 2 -6.17 26.38 -48.24
CA THR B 2 -6.25 27.47 -47.27
C THR B 2 -4.87 27.90 -46.82
N SER B 3 -4.67 29.20 -46.68
CA SER B 3 -3.40 29.76 -46.20
C SER B 3 -3.45 29.91 -44.68
N THR B 4 -2.56 29.21 -43.98
CA THR B 4 -2.53 29.36 -42.54
C THR B 4 -2.10 30.77 -42.14
N PHE B 5 -1.14 31.35 -42.86
CA PHE B 5 -0.74 32.72 -42.58
C PHE B 5 -1.94 33.67 -42.64
N ASP B 6 -2.68 33.65 -43.76
CA ASP B 6 -3.80 34.58 -43.89
C ASP B 6 -4.85 34.36 -42.81
N ARG B 7 -4.99 33.12 -42.34
CA ARG B 7 -5.83 32.85 -41.18
C ARG B 7 -5.30 33.57 -39.95
N VAL B 8 -3.98 33.45 -39.72
CA VAL B 8 -3.34 34.07 -38.56
C VAL B 8 -3.44 35.59 -38.63
N ALA B 9 -3.20 36.15 -39.83
CA ALA B 9 -3.25 37.60 -40.00
C ALA B 9 -4.65 38.15 -39.70
N THR B 10 -5.69 37.41 -40.10
CA THR B 10 -7.06 37.80 -39.79
C THR B 10 -7.30 37.85 -38.29
N ILE B 11 -6.72 36.91 -37.54
CA ILE B 11 -6.87 36.90 -36.09
C ILE B 11 -6.16 38.08 -35.47
N ILE B 12 -4.95 38.39 -35.96
CA ILE B 12 -4.21 39.53 -35.42
C ILE B 12 -4.97 40.81 -35.67
N ALA B 13 -5.46 41.00 -36.90
CA ALA B 13 -6.24 42.20 -37.23
C ALA B 13 -7.50 42.31 -36.40
N GLU B 14 -8.12 41.18 -36.03
CA GLU B 14 -9.35 41.22 -35.24
C GLU B 14 -9.10 41.63 -33.79
N THR B 15 -7.87 41.44 -33.30
CA THR B 15 -7.53 41.62 -31.89
C THR B 15 -6.79 42.94 -31.64
N ALA B 16 -5.80 43.25 -32.46
CA ALA B 16 -5.02 44.47 -32.30
C ALA B 16 -5.60 45.60 -33.12
N ASP B 17 -5.37 46.82 -32.65
CA ASP B 17 -5.81 48.02 -33.35
C ASP B 17 -4.76 48.45 -34.38
N ILE B 18 -4.52 47.56 -35.34
CA ILE B 18 -3.56 47.79 -36.42
C ILE B 18 -4.20 47.36 -37.74
N PRO B 19 -3.82 47.97 -38.86
CA PRO B 19 -4.45 47.62 -40.14
C PRO B 19 -3.93 46.31 -40.70
N ARG B 20 -4.83 45.62 -41.42
CA ARG B 20 -4.51 44.31 -41.97
C ARG B 20 -3.34 44.36 -42.93
N GLU B 21 -3.16 45.48 -43.63
CA GLU B 21 -2.14 45.57 -44.66
C GLU B 21 -0.72 45.62 -44.10
N THR B 22 -0.55 46.03 -42.83
CA THR B 22 0.77 46.02 -42.24
C THR B 22 1.15 44.65 -41.66
N ILE B 23 0.28 43.65 -41.80
CA ILE B 23 0.51 42.31 -41.25
C ILE B 23 0.97 41.45 -42.42
N THR B 24 2.28 41.21 -42.51
CA THR B 24 2.90 40.55 -43.65
C THR B 24 3.56 39.25 -43.22
N PRO B 25 3.78 38.32 -44.16
CA PRO B 25 4.44 37.06 -43.81
C PRO B 25 5.83 37.22 -43.20
N GLU B 26 6.56 38.27 -43.57
CA GLU B 26 7.89 38.49 -43.02
C GLU B 26 7.89 39.29 -41.72
N SER B 27 6.72 39.66 -41.20
CA SER B 27 6.66 40.50 -40.01
C SER B 27 6.89 39.68 -38.75
N HIS B 28 7.71 40.21 -37.85
CA HIS B 28 7.83 39.64 -36.52
C HIS B 28 6.64 40.11 -35.67
N ALA B 29 5.94 39.16 -35.04
CA ALA B 29 4.74 39.50 -34.29
C ALA B 29 5.04 40.50 -33.17
N ILE B 30 6.13 40.28 -32.45
CA ILE B 30 6.74 41.28 -31.57
C ILE B 30 7.71 42.06 -32.47
N ASP B 31 8.20 43.21 -32.01
CA ASP B 31 9.33 43.90 -32.65
C ASP B 31 8.95 44.63 -33.93
N ASP B 32 8.06 44.07 -34.75
CA ASP B 32 7.68 44.70 -36.01
C ASP B 32 6.24 45.19 -36.04
N LEU B 33 5.32 44.52 -35.36
CA LEU B 33 3.97 44.99 -35.20
C LEU B 33 3.81 45.60 -33.82
N GLY B 34 3.05 46.69 -33.73
CA GLY B 34 2.83 47.34 -32.45
C GLY B 34 2.01 46.48 -31.50
N ILE B 35 2.63 45.46 -30.93
CA ILE B 35 1.94 44.45 -30.12
C ILE B 35 2.78 44.17 -28.89
N ASP B 36 2.19 44.32 -27.70
CA ASP B 36 2.91 44.04 -26.46
C ASP B 36 2.62 42.61 -25.99
N GLU B 37 3.12 42.27 -24.80
CA GLU B 37 3.04 40.90 -24.31
C GLU B 37 1.60 40.47 -24.07
N LEU B 38 0.79 41.34 -23.46
CA LEU B 38 -0.58 40.97 -23.14
C LEU B 38 -1.45 40.89 -24.39
N ASP B 39 -1.23 41.80 -25.35
CA ASP B 39 -1.90 41.67 -26.64
C ASP B 39 -1.58 40.33 -27.28
N PHE B 40 -0.31 39.90 -27.21
CA PHE B 40 0.03 38.65 -27.88
C PHE B 40 -0.61 37.46 -27.18
N LEU B 41 -0.73 37.51 -25.85
CA LEU B 41 -1.40 36.42 -25.14
C LEU B 41 -2.86 36.29 -25.57
N ASP B 42 -3.53 37.42 -25.83
CA ASP B 42 -4.90 37.37 -26.34
C ASP B 42 -4.94 36.84 -27.77
N ILE B 43 -3.93 37.19 -28.58
CA ILE B 43 -3.82 36.64 -29.92
C ILE B 43 -3.56 35.14 -29.86
N ALA B 44 -2.66 34.71 -28.97
CA ALA B 44 -2.36 33.30 -28.82
C ALA B 44 -3.61 32.51 -28.44
N PHE B 45 -4.38 33.02 -27.47
CA PHE B 45 -5.64 32.36 -27.08
C PHE B 45 -6.57 32.21 -28.28
N ALA B 46 -6.69 33.27 -29.09
CA ALA B 46 -7.55 33.20 -30.27
C ALA B 46 -6.98 32.21 -31.30
N ILE B 47 -5.67 32.20 -31.49
CA ILE B 47 -5.05 31.20 -32.36
C ILE B 47 -5.33 29.81 -31.83
N ASP B 48 -5.09 29.61 -30.53
CA ASP B 48 -5.31 28.31 -29.89
C ASP B 48 -6.72 27.81 -30.14
N LYS B 49 -7.70 28.71 -30.15
CA LYS B 49 -9.07 28.25 -30.35
C LYS B 49 -9.40 28.05 -31.82
N ALA B 50 -8.97 28.96 -32.71
CA ALA B 50 -9.28 28.80 -34.12
C ALA B 50 -8.71 27.50 -34.67
N PHE B 51 -7.55 27.07 -34.19
CA PHE B 51 -6.89 25.89 -34.71
C PHE B 51 -6.99 24.67 -33.82
N GLY B 52 -7.51 24.80 -32.60
CA GLY B 52 -7.60 23.67 -31.69
C GLY B 52 -6.27 23.16 -31.17
N ILE B 53 -5.35 24.06 -30.85
CA ILE B 53 -4.00 23.72 -30.44
C ILE B 53 -3.63 24.55 -29.23
N SER B 54 -2.41 24.33 -28.72
CA SER B 54 -1.83 25.12 -27.64
C SER B 54 -0.47 25.59 -28.10
N LEU B 55 -0.33 26.88 -28.34
CA LEU B 55 0.99 27.42 -28.65
C LEU B 55 1.88 27.20 -27.43
N PRO B 56 3.02 26.49 -27.56
CA PRO B 56 3.88 26.25 -26.39
C PRO B 56 4.82 27.43 -26.14
N LEU B 57 4.22 28.55 -25.71
CA LEU B 57 4.95 29.80 -25.60
C LEU B 57 6.12 29.70 -24.62
N PHE B 58 5.93 29.02 -23.50
CA PHE B 58 7.05 28.88 -22.55
C PHE B 58 8.18 28.09 -23.19
N LYS B 59 7.88 26.92 -23.75
CA LYS B 59 8.95 26.08 -24.28
C LYS B 59 9.61 26.69 -25.51
N TRP B 60 8.84 27.43 -26.32
CA TRP B 60 9.43 28.14 -27.46
C TRP B 60 10.41 29.20 -27.01
N GLU B 61 10.04 29.98 -25.98
CA GLU B 61 10.91 31.03 -25.49
C GLU B 61 12.14 30.43 -24.82
N LEU B 62 11.99 29.30 -24.14
CA LEU B 62 13.14 28.57 -23.60
C LEU B 62 14.09 28.14 -24.70
N ASP B 63 13.54 27.60 -25.79
CA ASP B 63 14.35 27.14 -26.92
C ASP B 63 15.18 28.29 -27.49
N VAL B 64 14.58 29.46 -27.63
CA VAL B 64 15.29 30.62 -28.15
C VAL B 64 16.34 31.10 -27.16
N TYR B 65 16.02 31.04 -25.86
CA TYR B 65 16.98 31.46 -24.83
C TYR B 65 18.29 30.71 -24.94
N PHE B 66 18.23 29.39 -25.14
CA PHE B 66 19.45 28.59 -25.23
C PHE B 66 20.12 28.66 -26.59
N GLY B 67 19.54 29.37 -27.55
CA GLY B 67 20.10 29.45 -28.88
C GLY B 67 19.87 28.25 -29.76
N SER B 68 19.15 27.24 -29.28
CA SER B 68 18.79 26.09 -30.10
C SER B 68 17.63 26.39 -31.03
N ALA B 69 17.12 27.62 -30.99
CA ALA B 69 16.12 28.09 -31.93
C ALA B 69 16.26 29.60 -32.02
N THR B 70 15.80 30.14 -33.15
CA THR B 70 15.78 31.57 -33.42
C THR B 70 14.40 32.13 -33.12
N THR B 71 14.36 33.42 -32.73
CA THR B 71 13.07 34.09 -32.57
C THR B 71 12.26 34.02 -33.86
N GLU B 72 12.94 34.10 -35.00
CA GLU B 72 12.25 34.18 -36.29
C GLU B 72 11.48 32.91 -36.62
N GLN B 73 11.96 31.75 -36.16
CA GLN B 73 11.30 30.52 -36.55
C GLN B 73 9.98 30.30 -35.82
N TYR B 74 9.76 31.00 -34.71
CA TYR B 74 8.50 30.90 -33.99
C TYR B 74 7.61 32.13 -34.14
N PHE B 75 8.18 33.32 -34.34
CA PHE B 75 7.40 34.54 -34.22
C PHE B 75 7.32 35.42 -35.46
N VAL B 76 8.12 35.16 -36.51
CA VAL B 76 7.86 35.78 -37.81
C VAL B 76 6.71 35.01 -38.46
N LEU B 77 5.73 35.74 -39.00
CA LEU B 77 4.40 35.19 -39.18
C LEU B 77 4.37 34.02 -40.16
N LYS B 78 5.16 34.10 -41.24
CA LYS B 78 5.19 32.98 -42.19
C LYS B 78 5.68 31.70 -41.52
N ASN B 79 6.62 31.84 -40.58
CA ASN B 79 7.12 30.69 -39.83
C ASN B 79 6.13 30.26 -38.76
N LEU B 80 5.47 31.23 -38.09
CA LEU B 80 4.45 30.89 -37.12
C LEU B 80 3.36 30.04 -37.75
N ALA B 81 2.94 30.40 -38.97
CA ALA B 81 1.96 29.58 -39.69
C ALA B 81 2.44 28.14 -39.83
N ALA B 82 3.74 27.96 -40.13
CA ALA B 82 4.28 26.61 -40.25
C ALA B 82 4.28 25.87 -38.92
N ARG B 83 4.67 26.55 -37.85
CA ARG B 83 4.66 25.93 -36.52
C ARG B 83 3.24 25.51 -36.15
N ILE B 84 2.26 26.32 -36.53
CA ILE B 84 0.86 26.00 -36.23
C ILE B 84 0.44 24.74 -37.00
N ASP B 85 0.78 24.66 -38.28
CA ASP B 85 0.46 23.47 -39.05
C ASP B 85 1.08 22.22 -38.43
N GLU B 86 2.32 22.34 -37.94
CA GLU B 86 2.96 21.21 -37.29
C GLU B 86 2.23 20.81 -36.02
N LEU B 87 1.81 21.80 -35.21
CA LEU B 87 1.05 21.48 -34.00
C LEU B 87 -0.27 20.79 -34.34
N VAL B 88 -0.98 21.30 -35.34
CA VAL B 88 -2.24 20.68 -35.76
C VAL B 88 -2.00 19.25 -36.21
N ALA B 89 -0.95 19.02 -37.01
CA ALA B 89 -0.64 17.67 -37.46
C ALA B 89 -0.25 16.78 -36.30
N ALA B 90 0.51 17.31 -35.33
CA ALA B 90 0.90 16.54 -34.16
C ALA B 90 -0.29 16.16 -33.30
N LYS B 91 -1.40 16.90 -33.42
CA LYS B 91 -2.58 16.58 -32.62
C LYS B 91 -3.20 15.23 -32.99
N GLY B 92 -2.90 14.70 -34.17
CA GLY B 92 -3.38 13.38 -34.54
C GLY B 92 -2.82 12.28 -33.65
N GLU C 1 10.82 1.01 -21.99
CA GLU C 1 10.70 1.96 -20.89
C GLU C 1 11.73 3.09 -20.98
N VAL C 2 11.26 4.27 -20.71
CA VAL C 2 12.13 5.40 -20.63
C VAL C 2 12.83 5.19 -19.27
N GLN C 3 14.13 5.40 -19.19
CA GLN C 3 14.80 5.27 -17.90
C GLN C 3 15.95 6.24 -17.75
N LEU C 4 16.15 6.72 -16.54
CA LEU C 4 17.27 7.57 -16.18
C LEU C 4 17.88 6.91 -14.94
N VAL C 5 19.19 6.80 -14.88
CA VAL C 5 19.90 6.13 -13.80
C VAL C 5 21.06 7.02 -13.35
N GLU C 6 21.03 7.43 -12.08
CA GLU C 6 22.09 8.23 -11.49
C GLU C 6 23.18 7.33 -10.90
N SER C 7 24.40 7.86 -10.84
CA SER C 7 25.55 7.12 -10.34
C SER C 7 26.63 8.11 -9.91
N GLY C 8 27.48 7.66 -9.00
CA GLY C 8 28.54 8.50 -8.50
C GLY C 8 29.07 8.02 -7.17
N THR C 9 30.27 8.50 -6.84
CA THR C 9 30.89 8.17 -5.56
C THR C 9 30.11 8.82 -4.42
N GLU C 10 29.72 8.02 -3.42
CA GLU C 10 28.85 8.58 -2.39
C GLU C 10 29.60 9.49 -1.42
N VAL C 11 30.65 8.98 -0.79
CA VAL C 11 31.29 9.69 0.32
C VAL C 11 32.36 10.63 -0.22
N LYS C 12 32.17 11.92 0.03
CA LYS C 12 33.07 12.95 -0.46
C LYS C 12 33.53 13.81 0.71
N LYS C 13 34.82 14.20 0.67
CA LYS C 13 35.35 15.07 1.72
C LYS C 13 34.78 16.48 1.56
N PRO C 14 34.62 17.20 2.67
CA PRO C 14 34.28 18.63 2.56
C PRO C 14 35.34 19.38 1.77
N GLY C 15 34.89 20.32 0.94
CA GLY C 15 35.78 21.03 0.05
C GLY C 15 36.05 20.34 -1.26
N ALA C 16 35.68 19.07 -1.42
CA ALA C 16 35.92 18.35 -2.64
C ALA C 16 34.80 18.61 -3.65
N SER C 17 34.98 18.07 -4.86
CA SER C 17 33.99 18.14 -5.91
C SER C 17 33.48 16.75 -6.22
N VAL C 18 32.17 16.62 -6.41
CA VAL C 18 31.55 15.36 -6.76
C VAL C 18 30.99 15.46 -8.17
N LYS C 19 31.10 14.37 -8.92
CA LYS C 19 30.51 14.26 -10.25
C LYS C 19 29.47 13.16 -10.24
N VAL C 20 28.24 13.50 -10.64
CA VAL C 20 27.14 12.54 -10.74
C VAL C 20 26.83 12.35 -12.21
N SER C 21 26.56 11.11 -12.60
CA SER C 21 26.21 10.75 -13.97
C SER C 21 24.75 10.38 -14.03
N CYS C 22 24.09 10.75 -15.11
CA CYS C 22 22.69 10.40 -15.37
C CYS C 22 22.64 9.70 -16.71
N LYS C 23 22.63 8.37 -16.71
CA LYS C 23 22.59 7.59 -17.93
C LYS C 23 21.13 7.34 -18.28
N THR C 24 20.72 7.85 -19.44
CA THR C 24 19.36 7.75 -19.94
C THR C 24 19.22 6.76 -21.10
N SER C 25 18.04 6.19 -21.19
CA SER C 25 17.75 5.20 -22.19
C SER C 25 16.27 5.15 -22.53
N GLY C 26 15.96 4.63 -23.70
CA GLY C 26 14.60 4.50 -24.15
C GLY C 26 13.90 5.68 -24.74
N TYR C 27 14.59 6.77 -25.04
CA TYR C 27 14.00 7.95 -25.65
C TYR C 27 15.05 8.77 -26.37
N ILE C 28 14.65 9.73 -27.19
CA ILE C 28 15.59 10.53 -27.95
C ILE C 28 16.20 11.58 -27.05
N PHE C 29 17.51 11.49 -26.85
CA PHE C 29 18.20 12.28 -25.83
C PHE C 29 18.09 13.78 -26.11
N THR C 30 18.20 14.18 -27.37
CA THR C 30 18.21 15.59 -27.75
C THR C 30 16.82 16.21 -27.76
N ASN C 31 15.77 15.44 -27.47
CA ASN C 31 14.41 15.96 -27.45
C ASN C 31 13.93 16.30 -26.03
N TYR C 32 14.81 16.23 -25.04
CA TYR C 32 14.44 16.49 -23.66
C TYR C 32 15.54 17.23 -22.94
N TYR C 33 15.16 18.12 -22.03
CA TYR C 33 16.12 18.70 -21.11
C TYR C 33 16.45 17.70 -20.02
N ILE C 34 17.58 17.92 -19.34
CA ILE C 34 17.91 17.20 -18.13
C ILE C 34 17.90 18.20 -16.97
N HIS C 35 17.05 17.95 -15.98
CA HIS C 35 17.04 18.73 -14.77
C HIS C 35 17.74 17.96 -13.66
N TRP C 36 18.30 18.70 -12.72
CA TRP C 36 18.90 18.11 -11.52
C TRP C 36 18.19 18.66 -10.29
N VAL C 37 17.74 17.73 -9.45
CA VAL C 37 16.96 18.04 -8.25
C VAL C 37 17.55 17.20 -7.12
N ARG C 38 17.66 17.80 -5.94
CA ARG C 38 18.24 17.08 -4.80
C ARG C 38 17.30 17.17 -3.60
N GLN C 39 17.51 16.27 -2.65
CA GLN C 39 16.62 16.15 -1.50
C GLN C 39 17.50 15.78 -0.30
N ALA C 40 17.75 16.75 0.57
CA ALA C 40 18.43 16.46 1.81
C ALA C 40 17.55 15.54 2.66
N PRO C 41 18.16 14.78 3.58
CA PRO C 41 17.35 13.87 4.41
C PRO C 41 16.28 14.63 5.17
N GLY C 42 15.04 14.11 5.08
CA GLY C 42 13.91 14.70 5.75
C GLY C 42 13.38 15.98 5.15
N GLN C 43 13.98 16.50 4.09
CA GLN C 43 13.58 17.77 3.49
C GLN C 43 12.83 17.54 2.17
N GLY C 44 12.51 18.65 1.51
CA GLY C 44 11.77 18.61 0.27
C GLY C 44 12.68 18.63 -0.95
N LEU C 45 12.07 18.81 -2.12
CA LEU C 45 12.81 18.83 -3.37
C LEU C 45 13.37 20.23 -3.62
N GLU C 46 14.61 20.29 -4.11
CA GLU C 46 15.27 21.56 -4.41
C GLU C 46 15.86 21.51 -5.81
N TRP C 47 15.34 22.35 -6.71
CA TRP C 47 15.84 22.38 -8.07
C TRP C 47 17.23 23.03 -8.11
N MET C 48 18.12 22.44 -8.91
CA MET C 48 19.49 22.90 -9.01
C MET C 48 19.84 23.50 -10.37
N GLY C 49 19.34 22.94 -11.46
CA GLY C 49 19.67 23.49 -12.75
C GLY C 49 19.13 22.64 -13.88
N ILE C 50 19.21 23.21 -15.07
CA ILE C 50 18.73 22.56 -16.28
C ILE C 50 19.87 22.50 -17.30
N PHE C 51 19.96 21.38 -18.01
CA PHE C 51 20.94 21.18 -19.06
C PHE C 51 20.23 20.92 -20.38
N ASN C 52 20.71 21.55 -21.45
CA ASN C 52 20.12 21.38 -22.77
C ASN C 52 21.09 20.60 -23.66
N PRO C 53 20.83 19.33 -23.96
CA PRO C 53 21.74 18.59 -24.84
C PRO C 53 21.88 19.20 -26.23
N ASN C 54 20.90 19.97 -26.71
CA ASN C 54 21.00 20.64 -28.01
C ASN C 54 21.68 21.99 -27.79
N GLY C 55 23.01 22.00 -27.94
CA GLY C 55 23.79 23.20 -27.78
C GLY C 55 24.53 23.31 -26.47
N GLY C 56 24.19 22.48 -25.48
CA GLY C 56 24.90 22.47 -24.22
C GLY C 56 24.58 23.61 -23.27
N GLY C 57 23.53 24.39 -23.56
CA GLY C 57 23.18 25.50 -22.68
C GLY C 57 22.69 25.04 -21.32
N THR C 58 22.78 25.95 -20.34
CA THR C 58 22.45 25.65 -18.96
C THR C 58 21.78 26.86 -18.30
N SER C 59 21.05 26.58 -17.22
CA SER C 59 20.59 27.60 -16.29
C SER C 59 20.58 27.01 -14.90
N TYR C 60 21.28 27.65 -13.97
CA TYR C 60 21.41 27.15 -12.61
C TYR C 60 20.61 28.00 -11.64
N ALA C 61 20.08 27.37 -10.60
CA ALA C 61 19.47 28.10 -9.50
C ALA C 61 20.50 29.01 -8.85
N GLN C 62 20.04 30.18 -8.37
CA GLN C 62 20.96 31.17 -7.81
C GLN C 62 21.84 30.60 -6.70
N LYS C 63 21.32 29.64 -5.92
CA LYS C 63 22.07 29.13 -4.78
C LYS C 63 23.34 28.42 -5.20
N PHE C 64 23.39 27.90 -6.43
CA PHE C 64 24.50 27.07 -6.85
C PHE C 64 25.37 27.73 -7.92
N GLN C 65 24.97 28.90 -8.43
CA GLN C 65 25.78 29.60 -9.41
C GLN C 65 27.20 29.82 -8.90
N GLY C 66 28.18 29.41 -9.70
CA GLY C 66 29.58 29.46 -9.33
C GLY C 66 30.13 28.16 -8.78
N ARG C 67 29.26 27.26 -8.32
CA ARG C 67 29.67 26.00 -7.69
C ARG C 67 29.31 24.77 -8.52
N ILE C 68 28.51 24.92 -9.58
CA ILE C 68 27.89 23.81 -10.28
C ILE C 68 28.19 23.91 -11.77
N THR C 69 28.40 22.77 -12.42
CA THR C 69 28.58 22.69 -13.86
C THR C 69 27.79 21.51 -14.38
N LEU C 70 26.91 21.76 -15.34
CA LEU C 70 26.12 20.70 -15.97
C LEU C 70 26.62 20.51 -17.40
N THR C 71 26.88 19.25 -17.77
CA THR C 71 27.39 18.91 -19.08
C THR C 71 26.63 17.69 -19.58
N GLY C 72 26.96 17.27 -20.80
CA GLY C 72 26.34 16.08 -21.35
C GLY C 72 27.17 15.51 -22.46
N ASN C 73 26.87 14.25 -22.80
CA ASN C 73 27.49 13.55 -23.92
C ASN C 73 26.35 12.85 -24.64
N THR C 74 25.88 13.45 -25.74
CA THR C 74 24.69 12.92 -26.40
C THR C 74 24.96 11.56 -27.05
N SER C 75 26.18 11.34 -27.55
CA SER C 75 26.52 10.03 -28.08
C SER C 75 26.43 8.95 -27.00
N ALA C 76 26.62 9.31 -25.73
CA ALA C 76 26.47 8.38 -24.63
C ALA C 76 25.12 8.49 -23.93
N ASN C 77 24.23 9.38 -24.40
CA ASN C 77 22.90 9.58 -23.78
C ASN C 77 23.00 9.83 -22.28
N THR C 78 23.98 10.64 -21.88
CA THR C 78 24.33 10.78 -20.47
C THR C 78 24.51 12.25 -20.13
N GLY C 79 23.85 12.70 -19.05
CA GLY C 79 24.10 14.00 -18.48
C GLY C 79 24.97 13.89 -17.24
N TYR C 80 25.70 14.97 -16.95
CA TYR C 80 26.61 15.01 -15.80
C TYR C 80 26.36 16.27 -14.99
N MET C 81 26.62 16.18 -13.69
CA MET C 81 26.59 17.32 -12.78
C MET C 81 27.85 17.31 -11.93
N VAL C 82 28.53 18.46 -11.85
CA VAL C 82 29.65 18.65 -10.94
C VAL C 82 29.25 19.74 -9.93
N LEU C 83 29.29 19.38 -8.65
CA LEU C 83 29.07 20.32 -7.55
C LEU C 83 30.39 20.46 -6.78
N ARG C 84 30.89 21.68 -6.67
CA ARG C 84 32.18 21.94 -6.07
C ARG C 84 32.03 22.50 -4.66
N SER C 85 33.15 22.53 -3.94
CA SER C 85 33.24 23.08 -2.59
C SER C 85 32.14 22.52 -1.69
N LEU C 86 32.10 21.19 -1.60
CA LEU C 86 31.05 20.51 -0.86
C LEU C 86 31.14 20.83 0.63
N THR C 87 29.97 20.92 1.28
CA THR C 87 29.85 21.00 2.73
C THR C 87 28.80 19.99 3.21
N SER C 88 28.66 19.90 4.54
CA SER C 88 27.60 19.08 5.13
C SER C 88 26.24 19.37 4.53
N GLU C 89 26.00 20.61 4.10
CA GLU C 89 24.67 20.94 3.61
C GLU C 89 24.38 20.35 2.24
N ASP C 90 25.38 19.80 1.56
CA ASP C 90 25.21 19.17 0.27
C ASP C 90 24.91 17.68 0.36
N THR C 91 24.95 17.12 1.57
CA THR C 91 24.54 15.74 1.76
C THR C 91 23.07 15.60 1.41
N ALA C 92 22.77 14.78 0.39
CA ALA C 92 21.42 14.69 -0.14
C ALA C 92 21.34 13.50 -1.09
N VAL C 93 20.10 13.16 -1.47
CA VAL C 93 19.84 12.33 -2.63
C VAL C 93 19.76 13.24 -3.84
N TYR C 94 20.48 12.88 -4.91
CA TYR C 94 20.55 13.68 -6.12
C TYR C 94 19.81 12.96 -7.24
N TYR C 95 18.87 13.66 -7.87
CA TYR C 95 18.04 13.11 -8.94
C TYR C 95 18.33 13.80 -10.26
N CYS C 96 18.24 13.06 -11.36
CA CYS C 96 18.03 13.68 -12.64
C CYS C 96 16.64 13.33 -13.17
N ALA C 97 16.04 14.25 -13.91
CA ALA C 97 14.72 14.10 -14.46
C ALA C 97 14.65 14.72 -15.86
N ARG C 98 13.79 14.19 -16.72
CA ARG C 98 13.66 14.71 -18.07
C ARG C 98 12.45 15.66 -18.21
N ASP C 99 12.50 16.54 -19.21
CA ASP C 99 11.48 17.55 -19.45
C ASP C 99 11.51 17.78 -20.97
N PRO C 100 10.37 17.62 -21.63
CA PRO C 100 10.37 17.69 -23.11
C PRO C 100 10.81 19.06 -23.61
N ARG C 101 11.66 19.04 -24.64
CA ARG C 101 12.05 20.30 -25.27
C ARG C 101 11.04 20.75 -26.31
N THR C 102 10.37 19.82 -27.00
CA THR C 102 9.56 20.13 -28.18
C THR C 102 8.21 19.40 -28.14
N SER C 103 7.52 19.46 -27.01
CA SER C 103 6.20 18.83 -26.96
C SER C 103 5.40 19.40 -25.79
N GLY C 104 4.07 19.40 -25.98
CA GLY C 104 3.14 19.81 -24.96
C GLY C 104 2.51 18.69 -24.17
N ASP C 105 2.76 17.43 -24.55
CA ASP C 105 2.26 16.29 -23.81
C ASP C 105 3.21 15.95 -22.66
N ASN C 106 2.64 15.70 -21.49
CA ASN C 106 3.42 15.47 -20.27
C ASN C 106 4.47 16.57 -20.12
N ASP C 107 4.02 17.82 -20.24
CA ASP C 107 4.89 18.99 -20.12
C ASP C 107 5.30 19.22 -18.66
N GLY C 108 6.20 18.38 -18.17
CA GLY C 108 6.68 18.47 -16.81
C GLY C 108 7.84 17.50 -16.64
N PHE C 109 8.33 17.39 -15.40
CA PHE C 109 9.40 16.43 -15.10
C PHE C 109 8.76 15.04 -15.07
N ASP C 110 8.56 14.46 -16.25
CA ASP C 110 7.78 13.24 -16.41
C ASP C 110 8.41 11.93 -16.05
N MET C 111 9.73 11.88 -16.09
CA MET C 111 10.47 10.72 -15.66
C MET C 111 11.70 11.13 -14.92
N TRP C 112 11.95 10.44 -13.82
CA TRP C 112 13.05 10.73 -12.96
C TRP C 112 13.87 9.50 -12.77
N GLY C 113 15.11 9.67 -12.34
CA GLY C 113 15.95 8.57 -11.93
C GLY C 113 15.58 8.10 -10.54
N GLN C 114 16.23 7.02 -10.11
CA GLN C 114 16.03 6.51 -8.77
C GLN C 114 16.72 7.35 -7.71
N GLY C 115 17.65 8.22 -8.10
CA GLY C 115 18.41 9.02 -7.15
C GLY C 115 19.65 8.30 -6.66
N THR C 116 20.73 9.05 -6.43
CA THR C 116 21.95 8.49 -5.88
C THR C 116 22.46 9.40 -4.76
N LYS C 117 23.00 8.79 -3.72
CA LYS C 117 23.40 9.51 -2.51
C LYS C 117 24.76 10.18 -2.68
N VAL C 118 24.87 11.39 -2.14
CA VAL C 118 26.14 12.06 -1.91
C VAL C 118 26.18 12.40 -0.42
N THR C 119 27.19 11.91 0.27
CA THR C 119 27.33 12.14 1.70
C THR C 119 28.65 12.88 1.92
N VAL C 120 28.57 14.14 2.36
CA VAL C 120 29.75 14.97 2.53
C VAL C 120 30.24 14.83 3.97
N SER C 121 31.35 14.13 4.16
CA SER C 121 31.77 13.68 5.47
C SER C 121 33.29 13.51 5.50
N SER C 122 33.88 13.89 6.63
CA SER C 122 35.26 13.55 6.90
C SER C 122 35.41 12.17 7.54
N ALA C 123 34.31 11.53 7.93
CA ALA C 123 34.39 10.27 8.65
C ALA C 123 34.94 9.14 7.77
N SER C 124 35.58 8.17 8.40
CA SER C 124 35.98 6.93 7.75
C SER C 124 34.95 5.84 8.07
N THR C 125 34.98 4.79 7.26
CA THR C 125 34.10 3.64 7.51
C THR C 125 34.33 3.12 8.93
N LYS C 126 33.24 2.90 9.66
CA LYS C 126 33.34 2.46 11.05
C LYS C 126 32.13 1.60 11.39
N GLY C 127 32.39 0.41 11.94
CA GLY C 127 31.33 -0.47 12.34
C GLY C 127 30.68 -0.01 13.64
N PRO C 128 29.42 -0.34 13.84
CA PRO C 128 28.71 0.15 15.02
C PRO C 128 29.08 -0.60 16.28
N SER C 129 28.80 0.04 17.41
CA SER C 129 28.71 -0.64 18.70
C SER C 129 27.24 -0.92 18.95
N VAL C 130 26.94 -2.07 19.54
CA VAL C 130 25.56 -2.50 19.76
C VAL C 130 25.34 -2.67 21.26
N PHE C 131 24.45 -1.84 21.82
CA PHE C 131 24.19 -1.94 23.26
C PHE C 131 22.75 -2.35 23.54
N PRO C 132 22.53 -3.16 24.58
CA PRO C 132 21.16 -3.56 24.90
C PRO C 132 20.38 -2.43 25.54
N LEU C 133 19.09 -2.41 25.26
CA LEU C 133 18.12 -1.56 25.94
C LEU C 133 17.29 -2.53 26.78
N ALA C 134 17.75 -2.79 28.00
CA ALA C 134 17.21 -3.89 28.77
C ALA C 134 15.79 -3.57 29.22
N PRO C 135 14.88 -4.56 29.21
CA PRO C 135 13.53 -4.33 29.74
C PRO C 135 13.59 -4.17 31.25
N SER C 136 13.19 -3.00 31.73
CA SER C 136 13.14 -2.76 33.17
C SER C 136 11.76 -3.11 33.71
N SER C 137 11.31 -4.31 33.36
CA SER C 137 9.97 -4.77 33.62
C SER C 137 9.98 -6.27 33.92
N SER C 141 3.78 -1.78 30.77
CA SER C 141 2.55 -1.33 30.12
C SER C 141 1.50 -2.41 30.12
N GLY C 142 0.95 -2.68 31.32
CA GLY C 142 -0.09 -3.69 31.48
C GLY C 142 0.31 -5.04 30.91
N GLY C 143 1.29 -5.69 31.53
CA GLY C 143 1.75 -6.97 31.02
C GLY C 143 2.50 -6.90 29.72
N THR C 144 2.91 -5.71 29.29
CA THR C 144 3.72 -5.54 28.08
C THR C 144 5.04 -4.88 28.47
N ALA C 145 6.14 -5.48 28.05
CA ALA C 145 7.46 -4.93 28.29
C ALA C 145 8.03 -4.41 26.98
N ALA C 146 8.93 -3.43 27.09
CA ALA C 146 9.65 -2.88 25.96
C ALA C 146 11.13 -3.21 26.13
N LEU C 147 11.76 -3.63 25.04
CA LEU C 147 13.20 -3.85 25.01
C LEU C 147 13.74 -3.37 23.67
N GLY C 148 15.06 -3.34 23.54
CA GLY C 148 15.62 -2.82 22.30
C GLY C 148 17.12 -2.98 22.21
N CYS C 149 17.67 -2.36 21.17
CA CYS C 149 19.10 -2.34 20.90
C CYS C 149 19.49 -0.98 20.35
N LEU C 150 20.55 -0.40 20.91
CA LEU C 150 21.08 0.88 20.44
C LEU C 150 22.30 0.61 19.59
N VAL C 151 22.22 1.00 18.32
CA VAL C 151 23.27 0.74 17.34
C VAL C 151 23.99 2.06 17.13
N LYS C 152 25.11 2.24 17.84
CA LYS C 152 25.74 3.54 17.98
C LYS C 152 27.05 3.64 17.18
N ASP C 153 27.26 4.80 16.57
CA ASP C 153 28.55 5.25 16.08
C ASP C 153 29.06 4.45 14.88
N TYR C 154 28.36 4.52 13.75
CA TYR C 154 28.79 3.83 12.54
C TYR C 154 28.84 4.79 11.37
N PHE C 155 29.57 4.38 10.33
CA PHE C 155 29.68 5.16 9.11
C PHE C 155 30.18 4.23 8.00
N PRO C 156 29.64 4.35 6.78
CA PRO C 156 28.50 5.20 6.44
C PRO C 156 27.20 4.46 6.72
N GLU C 157 26.06 5.01 6.29
CA GLU C 157 24.81 4.27 6.31
C GLU C 157 24.85 3.16 5.25
N PRO C 158 24.01 2.13 5.38
CA PRO C 158 23.00 1.85 6.40
C PRO C 158 23.39 0.76 7.38
N VAL C 159 22.62 0.61 8.45
CA VAL C 159 22.61 -0.63 9.21
C VAL C 159 21.21 -1.21 9.07
N THR C 160 21.11 -2.54 9.21
CA THR C 160 19.82 -3.22 9.28
C THR C 160 19.76 -3.99 10.59
N VAL C 161 18.53 -4.18 11.09
CA VAL C 161 18.29 -4.86 12.35
C VAL C 161 17.11 -5.82 12.16
N SER C 162 17.30 -7.05 12.57
CA SER C 162 16.20 -7.99 12.74
C SER C 162 16.22 -8.49 14.18
N TRP C 163 15.14 -9.15 14.58
CA TRP C 163 15.02 -9.70 15.93
C TRP C 163 14.82 -11.21 15.84
N ASN C 164 15.60 -11.94 16.63
CA ASN C 164 15.60 -13.40 16.64
C ASN C 164 15.75 -13.96 15.22
N SER C 165 16.74 -13.43 14.50
CA SER C 165 17.01 -13.79 13.11
C SER C 165 15.78 -13.63 12.22
N GLY C 166 14.91 -12.68 12.56
CA GLY C 166 13.74 -12.39 11.76
C GLY C 166 12.45 -13.02 12.26
N ALA C 167 12.53 -13.97 13.20
CA ALA C 167 11.32 -14.63 13.69
C ALA C 167 10.40 -13.66 14.42
N LEU C 168 10.97 -12.60 15.00
CA LEU C 168 10.22 -11.61 15.75
C LEU C 168 9.90 -10.43 14.83
N THR C 169 8.63 -10.27 14.48
CA THR C 169 8.16 -9.23 13.57
C THR C 169 7.19 -8.26 14.22
N SER C 170 6.19 -8.75 14.96
CA SER C 170 5.17 -7.88 15.54
C SER C 170 5.75 -6.98 16.63
N GLY C 171 5.31 -5.72 16.64
CA GLY C 171 5.71 -4.78 17.65
C GLY C 171 7.12 -4.22 17.51
N VAL C 172 7.80 -4.53 16.42
CA VAL C 172 9.14 -4.00 16.18
C VAL C 172 9.03 -2.59 15.62
N HIS C 173 9.83 -1.67 16.16
CA HIS C 173 9.97 -0.33 15.59
C HIS C 173 11.47 -0.05 15.45
N THR C 174 11.94 0.05 14.21
CA THR C 174 13.34 0.39 13.94
C THR C 174 13.38 1.83 13.42
N PHE C 175 13.93 2.73 14.24
CA PHE C 175 13.83 4.16 13.97
C PHE C 175 14.84 4.58 12.90
N PRO C 176 14.54 5.66 12.18
CA PRO C 176 15.52 6.21 11.26
C PRO C 176 16.80 6.59 11.98
N ALA C 177 17.92 6.40 11.29
CA ALA C 177 19.21 6.82 11.84
C ALA C 177 19.26 8.33 12.02
N VAL C 178 19.98 8.77 13.05
CA VAL C 178 20.29 10.19 13.21
C VAL C 178 21.79 10.39 13.04
N LEU C 179 22.16 11.56 12.57
CA LEU C 179 23.55 11.97 12.45
C LEU C 179 23.95 12.69 13.72
N GLN C 180 24.89 12.09 14.46
CA GLN C 180 25.37 12.70 15.69
C GLN C 180 26.36 13.82 15.37
N SER C 181 26.56 14.70 16.35
CA SER C 181 27.47 15.83 16.16
C SER C 181 28.88 15.38 15.80
N SER C 182 29.26 14.15 16.18
CA SER C 182 30.56 13.58 15.86
C SER C 182 30.72 13.21 14.39
N GLY C 183 29.66 13.27 13.59
CA GLY C 183 29.70 12.81 12.22
C GLY C 183 29.37 11.35 12.01
N LEU C 184 29.13 10.59 13.08
CA LEU C 184 28.75 9.20 13.00
C LEU C 184 27.26 9.04 13.26
N TYR C 185 26.68 8.02 12.66
CA TYR C 185 25.25 7.73 12.75
C TYR C 185 24.96 6.83 13.95
N SER C 186 23.69 6.86 14.36
CA SER C 186 23.22 5.97 15.41
C SER C 186 21.73 5.74 15.22
N LEU C 187 21.28 4.54 15.53
CA LEU C 187 19.84 4.27 15.52
C LEU C 187 19.52 3.27 16.61
N SER C 188 18.24 3.23 16.97
CA SER C 188 17.75 2.25 17.93
C SER C 188 16.63 1.45 17.28
N SER C 189 16.48 0.22 17.75
CA SER C 189 15.39 -0.64 17.34
C SER C 189 14.76 -1.17 18.61
N VAL C 190 13.43 -1.11 18.68
CA VAL C 190 12.72 -1.49 19.89
C VAL C 190 11.61 -2.47 19.52
N VAL C 191 11.18 -3.22 20.51
CA VAL C 191 10.08 -4.15 20.34
C VAL C 191 9.38 -4.29 21.68
N THR C 192 8.06 -4.46 21.62
CA THR C 192 7.27 -4.72 22.82
C THR C 192 6.80 -6.18 22.79
N VAL C 193 6.87 -6.82 23.94
CA VAL C 193 6.55 -8.24 24.07
C VAL C 193 5.62 -8.41 25.27
N PRO C 194 4.91 -9.53 25.35
CA PRO C 194 4.27 -9.89 26.62
C PRO C 194 5.31 -10.01 27.73
N SER C 195 5.06 -9.30 28.83
CA SER C 195 6.03 -9.28 29.93
C SER C 195 6.37 -10.68 30.42
N SER C 196 5.38 -11.57 30.47
CA SER C 196 5.64 -12.93 30.92
C SER C 196 6.47 -13.75 29.94
N SER C 197 6.70 -13.26 28.72
CA SER C 197 7.58 -13.94 27.78
C SER C 197 9.05 -13.66 28.05
N LEU C 198 9.37 -12.72 28.93
CA LEU C 198 10.76 -12.43 29.24
C LEU C 198 11.46 -13.61 29.92
N GLY C 199 10.71 -14.55 30.49
CA GLY C 199 11.31 -15.70 31.14
C GLY C 199 11.11 -16.99 30.37
N THR C 200 10.38 -16.92 29.26
CA THR C 200 10.19 -18.05 28.39
C THR C 200 10.99 -17.96 27.09
N GLN C 201 11.52 -16.79 26.75
CA GLN C 201 11.98 -16.52 25.41
C GLN C 201 13.28 -15.74 25.41
N THR C 202 14.16 -16.10 24.49
CA THR C 202 15.37 -15.34 24.21
C THR C 202 15.06 -14.23 23.21
N TYR C 203 15.61 -13.04 23.47
CA TYR C 203 15.44 -11.90 22.57
C TYR C 203 16.81 -11.40 22.13
N ILE C 204 17.06 -11.47 20.83
CA ILE C 204 18.36 -11.12 20.24
C ILE C 204 18.11 -10.18 19.07
N CYS C 205 18.90 -9.11 19.00
CA CYS C 205 18.89 -8.21 17.85
C CYS C 205 20.07 -8.57 16.95
N ASN C 206 19.81 -8.72 15.66
CA ASN C 206 20.82 -9.04 14.67
C ASN C 206 21.11 -7.79 13.87
N VAL C 207 22.32 -7.26 14.03
CA VAL C 207 22.71 -5.98 13.46
C VAL C 207 23.73 -6.23 12.35
N ASN C 208 23.44 -5.73 11.15
CA ASN C 208 24.38 -5.82 10.03
C ASN C 208 24.79 -4.42 9.58
N HIS C 209 26.10 -4.24 9.36
CA HIS C 209 26.66 -3.03 8.75
C HIS C 209 27.61 -3.52 7.65
N LYS C 210 27.11 -3.61 6.42
CA LYS C 210 27.91 -4.22 5.37
C LYS C 210 29.19 -3.46 5.03
N PRO C 211 29.29 -2.12 5.12
CA PRO C 211 30.57 -1.49 4.75
C PRO C 211 31.72 -1.92 5.64
N SER C 212 31.46 -2.31 6.88
CA SER C 212 32.50 -2.82 7.77
C SER C 212 32.44 -4.33 7.92
N ASN C 213 31.58 -5.00 7.15
CA ASN C 213 31.31 -6.42 7.29
C ASN C 213 30.91 -6.79 8.71
N THR C 214 30.28 -5.87 9.43
CA THR C 214 29.88 -6.11 10.81
C THR C 214 28.55 -6.88 10.87
N LYS C 215 28.55 -7.99 11.60
CA LYS C 215 27.33 -8.77 11.84
C LYS C 215 27.36 -9.19 13.31
N VAL C 216 26.59 -8.50 14.14
CA VAL C 216 26.60 -8.71 15.57
C VAL C 216 25.24 -9.24 16.01
N ASP C 217 25.25 -10.25 16.86
CA ASP C 217 24.06 -10.74 17.56
C ASP C 217 24.22 -10.38 19.03
N LYS C 218 23.34 -9.51 19.52
CA LYS C 218 23.36 -9.08 20.92
C LYS C 218 22.10 -9.58 21.60
N LYS C 219 22.27 -10.40 22.62
CA LYS C 219 21.14 -10.82 23.44
C LYS C 219 20.75 -9.69 24.38
N VAL C 220 19.45 -9.50 24.56
CA VAL C 220 18.92 -8.47 25.45
C VAL C 220 18.29 -9.19 26.63
N GLU C 221 18.87 -9.03 27.82
CA GLU C 221 18.44 -9.77 28.99
C GLU C 221 17.76 -8.83 30.00
N PRO C 222 16.73 -9.31 30.70
CA PRO C 222 16.00 -8.58 31.75
C PRO C 222 16.92 -8.00 32.82
N VAL D 1 8.73 31.87 -5.08
CA VAL D 1 8.49 31.00 -3.94
C VAL D 1 7.08 30.42 -4.02
N LEU D 2 6.96 29.16 -3.64
CA LEU D 2 5.68 28.48 -3.51
C LEU D 2 5.46 28.11 -2.05
N THR D 3 4.22 28.25 -1.60
CA THR D 3 3.82 27.93 -0.24
C THR D 3 2.70 26.90 -0.30
N GLN D 4 2.88 25.78 0.40
CA GLN D 4 1.90 24.71 0.40
C GLN D 4 1.19 24.63 1.74
N SER D 5 -0.13 24.43 1.69
CA SER D 5 -0.98 24.38 2.86
C SER D 5 -2.00 23.26 2.71
N PRO D 6 -2.34 22.58 3.83
CA PRO D 6 -1.57 22.68 5.06
C PRO D 6 -0.30 21.84 4.92
N ALA D 7 0.55 21.82 5.95
CA ALA D 7 1.73 20.95 5.89
C ALA D 7 1.33 19.48 5.94
N THR D 8 0.30 19.16 6.70
CA THR D 8 -0.20 17.80 6.85
C THR D 8 -1.72 17.81 6.73
N LEU D 9 -2.24 16.89 5.93
CA LEU D 9 -3.67 16.58 5.89
C LEU D 9 -3.87 15.20 6.49
N SER D 10 -4.76 15.09 7.45
CA SER D 10 -5.10 13.82 8.07
C SER D 10 -6.51 13.44 7.64
N LEU D 11 -6.61 12.44 6.77
CA LEU D 11 -7.89 12.02 6.22
C LEU D 11 -7.99 10.51 6.21
N SER D 12 -9.22 10.02 6.07
CA SER D 12 -9.50 8.60 6.01
C SER D 12 -9.63 8.15 4.55
N PRO D 13 -9.45 6.86 4.26
CA PRO D 13 -9.70 6.37 2.91
C PRO D 13 -11.10 6.72 2.45
N GLY D 14 -11.24 7.09 1.19
CA GLY D 14 -12.52 7.43 0.62
C GLY D 14 -12.89 8.90 0.71
N GLU D 15 -12.22 9.68 1.55
CA GLU D 15 -12.56 11.09 1.71
C GLU D 15 -11.87 11.94 0.64
N ARG D 16 -12.46 13.10 0.39
CA ARG D 16 -11.90 14.03 -0.58
C ARG D 16 -10.74 14.79 0.04
N ALA D 17 -9.66 14.92 -0.73
CA ALA D 17 -8.47 15.65 -0.29
C ALA D 17 -8.26 16.89 -1.16
N THR D 18 -8.05 18.03 -0.52
CA THR D 18 -7.80 19.29 -1.22
C THR D 18 -6.50 19.87 -0.70
N LEU D 19 -5.51 19.96 -1.59
CA LEU D 19 -4.20 20.51 -1.26
C LEU D 19 -4.02 21.86 -1.94
N SER D 20 -3.40 22.81 -1.25
CA SER D 20 -3.24 24.16 -1.75
C SER D 20 -1.78 24.49 -2.02
N CYS D 21 -1.57 25.33 -3.03
CA CYS D 21 -0.26 25.87 -3.37
C CYS D 21 -0.45 27.32 -3.78
N ARG D 22 0.28 28.23 -3.14
CA ARG D 22 0.22 29.65 -3.44
C ARG D 22 1.58 30.12 -3.92
N ALA D 23 1.56 30.94 -4.94
CA ALA D 23 2.75 31.51 -5.51
C ALA D 23 3.02 32.89 -4.93
N SER D 24 4.27 33.33 -5.04
CA SER D 24 4.79 34.65 -4.60
C SER D 24 4.15 35.78 -5.35
N GLN D 25 3.91 35.51 -6.61
CA GLN D 25 3.26 36.45 -7.50
C GLN D 25 2.31 35.65 -8.37
N SER D 26 1.37 36.33 -9.04
CA SER D 26 0.44 35.63 -9.94
C SER D 26 1.32 35.00 -11.01
N LEU D 27 1.02 33.77 -11.39
CA LEU D 27 1.93 33.01 -12.24
C LEU D 27 1.91 33.52 -13.67
N SER D 28 2.90 34.42 -13.93
CA SER D 28 3.19 35.17 -15.19
C SER D 28 3.57 34.25 -16.30
N SER D 29 4.20 33.15 -15.88
CA SER D 29 4.63 32.01 -16.63
C SER D 29 3.47 31.07 -16.98
N TYR D 30 2.55 31.63 -17.76
CA TYR D 30 1.44 31.03 -18.37
C TYR D 30 0.51 30.25 -17.44
N ASN D 31 0.38 30.71 -16.22
CA ASN D 31 -0.47 30.04 -15.24
C ASN D 31 -0.12 28.56 -15.14
N TYR D 32 1.17 28.26 -15.21
CA TYR D 32 1.64 26.89 -15.18
C TYR D 32 1.90 26.44 -13.75
N LEU D 33 1.38 25.28 -13.40
CA LEU D 33 1.76 24.62 -12.16
C LEU D 33 1.78 23.11 -12.38
N ALA D 34 2.74 22.45 -11.74
CA ALA D 34 2.86 21.00 -11.79
C ALA D 34 2.78 20.44 -10.38
N TRP D 35 2.17 19.25 -10.27
CA TRP D 35 2.06 18.54 -9.01
C TRP D 35 2.79 17.21 -9.11
N TYR D 36 3.49 16.84 -8.05
CA TYR D 36 4.20 15.56 -7.99
C TYR D 36 3.81 14.82 -6.71
N GLN D 37 3.73 13.50 -6.81
CA GLN D 37 3.56 12.62 -5.67
C GLN D 37 4.88 11.91 -5.36
N GLN D 38 5.19 11.75 -4.08
CA GLN D 38 6.39 11.02 -3.69
C GLN D 38 6.10 10.13 -2.49
N LYS D 39 6.49 8.87 -2.60
CA LYS D 39 6.40 7.93 -1.51
C LYS D 39 7.79 7.65 -0.96
N PRO D 40 7.89 7.10 0.26
CA PRO D 40 9.21 6.91 0.88
C PRO D 40 10.11 6.04 0.01
N GLY D 41 11.39 6.45 -0.09
CA GLY D 41 12.36 5.74 -0.88
C GLY D 41 12.12 5.74 -2.36
N GLN D 42 11.17 6.55 -2.84
CA GLN D 42 10.80 6.55 -4.25
C GLN D 42 11.06 7.91 -4.88
N ALA D 43 11.24 7.91 -6.19
CA ALA D 43 11.36 9.15 -6.93
C ALA D 43 10.01 9.84 -7.02
N PRO D 44 9.98 11.17 -7.13
CA PRO D 44 8.72 11.86 -7.39
C PRO D 44 8.10 11.39 -8.70
N ARG D 45 6.78 11.54 -8.78
CA ARG D 45 5.99 11.11 -9.92
C ARG D 45 5.09 12.26 -10.37
N LEU D 46 5.10 12.56 -11.67
CA LEU D 46 4.31 13.67 -12.18
C LEU D 46 2.83 13.30 -12.20
N LEU D 47 2.00 14.12 -11.55
CA LEU D 47 0.54 13.95 -11.55
C LEU D 47 -0.15 14.91 -12.51
N ILE D 48 0.14 16.19 -12.38
CA ILE D 48 -0.56 17.27 -13.08
C ILE D 48 0.48 18.20 -13.66
N TYR D 49 0.21 18.75 -14.85
CA TYR D 49 1.02 19.81 -15.41
C TYR D 49 0.08 20.82 -16.05
N ALA D 50 0.61 22.01 -16.35
CA ALA D 50 -0.20 23.11 -16.89
C ALA D 50 -1.44 23.36 -16.03
N ALA D 51 -1.25 23.28 -14.71
CA ALA D 51 -2.28 23.50 -13.68
C ALA D 51 -3.40 22.44 -13.70
N SER D 52 -3.82 21.97 -14.88
CA SER D 52 -5.05 21.21 -15.01
C SER D 52 -4.95 19.95 -15.87
N LYS D 53 -3.82 19.68 -16.49
CA LYS D 53 -3.66 18.53 -17.38
C LYS D 53 -3.06 17.36 -16.61
N ARG D 54 -3.76 16.23 -16.64
CA ARG D 54 -3.28 15.01 -16.02
C ARG D 54 -2.20 14.36 -16.88
N ALA D 55 -1.13 13.89 -16.22
CA ALA D 55 -0.08 13.15 -16.91
C ALA D 55 -0.58 11.77 -17.31
N THR D 56 0.14 11.14 -18.24
CA THR D 56 -0.24 9.82 -18.73
C THR D 56 -0.24 8.80 -17.61
N GLY D 57 -1.30 8.01 -17.53
CA GLY D 57 -1.38 6.94 -16.56
C GLY D 57 -1.73 7.35 -15.15
N ILE D 58 -2.20 8.56 -14.94
CA ILE D 58 -2.58 9.05 -13.62
C ILE D 58 -4.10 8.91 -13.49
N PRO D 59 -4.60 8.31 -12.40
CA PRO D 59 -6.04 8.06 -12.32
C PRO D 59 -6.84 9.35 -12.31
N ALA D 60 -8.08 9.26 -12.79
CA ALA D 60 -8.94 10.42 -12.96
C ALA D 60 -9.35 11.08 -11.65
N ARG D 61 -9.13 10.42 -10.51
CA ARG D 61 -9.48 11.07 -9.24
C ARG D 61 -8.55 12.22 -8.90
N PHE D 62 -7.40 12.32 -9.56
CA PHE D 62 -6.52 13.48 -9.40
C PHE D 62 -6.93 14.55 -10.40
N SER D 63 -7.18 15.76 -9.88
CA SER D 63 -7.48 16.90 -10.72
C SER D 63 -6.77 18.12 -10.17
N GLY D 64 -6.39 19.02 -11.08
CA GLY D 64 -5.74 20.26 -10.71
C GLY D 64 -6.55 21.46 -11.18
N SER D 65 -6.50 22.52 -10.38
CA SER D 65 -7.23 23.73 -10.72
C SER D 65 -6.46 24.94 -10.20
N GLY D 66 -6.93 26.11 -10.60
CA GLY D 66 -6.37 27.36 -10.13
C GLY D 66 -5.75 28.16 -11.24
N SER D 67 -5.26 29.34 -10.87
CA SER D 67 -4.68 30.31 -11.79
C SER D 67 -4.03 31.40 -10.96
N GLY D 68 -3.12 32.13 -11.59
CA GLY D 68 -2.49 33.26 -10.93
C GLY D 68 -1.70 32.91 -9.69
N THR D 69 -2.26 33.20 -8.52
CA THR D 69 -1.56 33.04 -7.26
C THR D 69 -1.92 31.77 -6.52
N ASP D 70 -3.06 31.15 -6.82
CA ASP D 70 -3.61 30.09 -5.98
C ASP D 70 -4.01 28.89 -6.82
N PHE D 71 -3.53 27.72 -6.42
CA PHE D 71 -3.83 26.48 -7.12
C PHE D 71 -4.23 25.43 -6.09
N THR D 72 -4.93 24.39 -6.56
CA THR D 72 -5.27 23.27 -5.72
C THR D 72 -5.08 21.97 -6.48
N LEU D 73 -4.67 20.94 -5.73
CA LEU D 73 -4.73 19.56 -6.18
C LEU D 73 -5.86 18.90 -5.42
N THR D 74 -6.76 18.24 -6.12
CA THR D 74 -7.90 17.59 -5.52
C THR D 74 -7.82 16.09 -5.79
N ILE D 75 -7.95 15.30 -4.75
CA ILE D 75 -8.09 13.86 -4.85
C ILE D 75 -9.51 13.56 -4.42
N SER D 76 -10.38 13.28 -5.38
CA SER D 76 -11.82 13.27 -5.12
C SER D 76 -12.19 12.23 -4.07
N SER D 77 -11.50 11.10 -4.05
CA SER D 77 -11.74 10.08 -3.03
C SER D 77 -10.46 9.29 -2.83
N LEU D 78 -9.91 9.36 -1.62
CA LEU D 78 -8.56 8.83 -1.37
C LEU D 78 -8.56 7.31 -1.40
N GLU D 79 -7.69 6.74 -2.24
CA GLU D 79 -7.41 5.32 -2.19
C GLU D 79 -6.21 5.07 -1.27
N PRO D 80 -6.05 3.85 -0.75
CA PRO D 80 -4.93 3.61 0.17
C PRO D 80 -3.57 4.02 -0.38
N GLU D 81 -3.34 3.79 -1.68
CA GLU D 81 -2.07 4.17 -2.28
C GLU D 81 -1.87 5.67 -2.41
N ASP D 82 -2.87 6.48 -2.10
CA ASP D 82 -2.75 7.93 -2.26
C ASP D 82 -2.14 8.61 -1.05
N PHE D 83 -1.98 7.93 0.08
CA PHE D 83 -1.37 8.54 1.24
C PHE D 83 0.13 8.65 1.00
N ALA D 84 0.61 9.88 0.86
CA ALA D 84 1.96 10.18 0.38
C ALA D 84 2.21 11.67 0.60
N VAL D 85 3.35 12.15 0.11
CA VAL D 85 3.70 13.57 0.10
C VAL D 85 3.47 14.11 -1.31
N TYR D 86 2.95 15.33 -1.39
CA TYR D 86 2.69 15.97 -2.68
C TYR D 86 3.40 17.32 -2.73
N PHE D 87 4.05 17.60 -3.85
CA PHE D 87 4.81 18.82 -4.07
C PHE D 87 4.20 19.59 -5.25
N CYS D 88 4.09 20.91 -5.13
CA CYS D 88 3.81 21.70 -6.32
C CYS D 88 5.10 22.34 -6.84
N GLN D 89 5.02 22.84 -8.08
CA GLN D 89 6.19 23.31 -8.81
C GLN D 89 5.79 24.35 -9.84
N GLN D 90 6.56 25.45 -9.89
CA GLN D 90 6.40 26.50 -10.87
C GLN D 90 7.67 26.61 -11.72
N ARG D 91 7.54 27.31 -12.85
CA ARG D 91 8.68 27.54 -13.73
C ARG D 91 8.57 28.95 -14.31
N SER D 92 9.73 29.50 -14.68
CA SER D 92 9.77 30.83 -15.27
C SER D 92 10.94 30.91 -16.22
N ASN D 93 10.86 31.89 -17.12
CA ASN D 93 11.95 32.26 -18.00
C ASN D 93 12.61 33.52 -17.47
N ARG D 94 13.64 33.98 -18.17
CA ARG D 94 14.29 35.25 -17.89
C ARG D 94 14.74 35.38 -16.43
N PRO D 95 15.66 34.53 -15.95
CA PRO D 95 16.30 33.37 -16.58
C PRO D 95 15.47 32.12 -16.32
N PRO D 96 15.75 31.04 -17.05
CA PRO D 96 15.06 29.77 -16.77
C PRO D 96 15.26 29.36 -15.32
N ALA D 97 14.16 29.04 -14.65
CA ALA D 97 14.21 28.65 -13.24
C ALA D 97 12.95 27.88 -12.89
N TRP D 98 13.12 26.94 -11.97
CA TRP D 98 12.05 26.07 -11.47
C TRP D 98 12.15 26.06 -9.95
N THR D 99 11.00 26.06 -9.28
CA THR D 99 11.00 25.98 -7.81
C THR D 99 9.91 25.02 -7.36
N PHE D 100 10.14 24.40 -6.22
CA PHE D 100 9.20 23.46 -5.63
C PHE D 100 8.60 24.06 -4.37
N GLY D 101 7.35 23.71 -4.09
CA GLY D 101 6.80 23.95 -2.77
C GLY D 101 7.44 23.01 -1.76
N GLN D 102 7.18 23.27 -0.47
CA GLN D 102 7.82 22.47 0.57
C GLN D 102 7.10 21.15 0.83
N GLY D 103 5.93 20.94 0.25
CA GLY D 103 5.28 19.65 0.31
C GLY D 103 4.17 19.59 1.33
N THR D 104 3.15 18.79 1.02
CA THR D 104 2.04 18.50 1.94
C THR D 104 1.96 16.99 2.11
N LYS D 105 1.93 16.53 3.35
CA LYS D 105 1.81 15.12 3.64
C LYS D 105 0.33 14.77 3.85
N VAL D 106 -0.16 13.81 3.08
CA VAL D 106 -1.49 13.23 3.29
C VAL D 106 -1.30 11.95 4.09
N GLU D 107 -1.77 11.94 5.33
CA GLU D 107 -1.61 10.80 6.24
C GLU D 107 -2.99 10.27 6.66
N ILE D 108 -2.97 9.11 7.30
CA ILE D 108 -4.17 8.35 7.61
C ILE D 108 -4.73 8.83 8.94
N LYS D 109 -5.94 9.38 8.92
CA LYS D 109 -6.56 9.84 10.15
C LYS D 109 -7.06 8.66 10.97
N ARG D 110 -6.89 8.74 12.29
CA ARG D 110 -7.39 7.74 13.21
C ARG D 110 -7.65 8.41 14.56
N THR D 111 -8.14 7.62 15.51
CA THR D 111 -8.47 8.15 16.82
C THR D 111 -7.21 8.51 17.60
N VAL D 112 -7.36 9.47 18.52
CA VAL D 112 -6.26 9.86 19.40
C VAL D 112 -5.82 8.65 20.21
N ALA D 113 -4.50 8.43 20.27
CA ALA D 113 -3.95 7.37 21.09
C ALA D 113 -2.74 7.93 21.83
N ALA D 114 -2.78 7.85 23.16
CA ALA D 114 -1.67 8.31 23.96
C ALA D 114 -0.49 7.33 23.86
N PRO D 115 0.73 7.83 23.94
CA PRO D 115 1.90 6.94 23.87
C PRO D 115 2.08 6.13 25.14
N SER D 116 2.58 4.90 24.97
CA SER D 116 3.22 4.17 26.04
C SER D 116 4.67 4.64 26.14
N VAL D 117 5.09 5.07 27.32
CA VAL D 117 6.40 5.68 27.50
C VAL D 117 7.29 4.73 28.30
N PHE D 118 8.56 4.61 27.87
CA PHE D 118 9.54 3.75 28.48
C PHE D 118 10.89 4.44 28.51
N ILE D 119 11.59 4.36 29.64
CA ILE D 119 12.93 4.94 29.75
C ILE D 119 13.94 3.82 29.96
N PHE D 120 15.11 3.94 29.33
CA PHE D 120 16.15 2.92 29.38
C PHE D 120 17.45 3.55 29.84
N PRO D 121 18.03 3.10 30.96
CA PRO D 121 19.35 3.59 31.36
C PRO D 121 20.42 3.13 30.38
N PRO D 122 21.57 3.81 30.37
CA PRO D 122 22.69 3.31 29.55
C PRO D 122 23.12 1.93 30.00
N SER D 123 23.50 1.11 29.03
CA SER D 123 23.99 -0.24 29.33
C SER D 123 25.31 -0.16 30.08
N ASP D 124 25.54 -1.17 30.93
CA ASP D 124 26.86 -1.29 31.56
C ASP D 124 27.94 -1.51 30.50
N GLU D 125 27.60 -2.22 29.42
CA GLU D 125 28.49 -2.34 28.26
C GLU D 125 28.98 -0.98 27.81
N GLN D 126 28.03 -0.08 27.49
CA GLN D 126 28.43 1.21 26.96
C GLN D 126 29.22 2.01 28.00
N LEU D 127 28.80 1.94 29.26
CA LEU D 127 29.48 2.71 30.31
C LEU D 127 30.96 2.37 30.38
N LYS D 128 31.34 1.13 30.12
CA LYS D 128 32.76 0.80 30.09
C LYS D 128 33.51 1.59 29.02
N SER D 129 32.81 2.08 28.00
CA SER D 129 33.45 2.81 26.91
C SER D 129 33.57 4.31 27.16
N GLY D 130 33.00 4.82 28.24
CA GLY D 130 33.17 6.21 28.61
C GLY D 130 32.08 7.16 28.17
N THR D 131 31.02 6.66 27.54
CA THR D 131 29.87 7.47 27.17
C THR D 131 28.61 6.82 27.73
N ALA D 132 27.58 7.65 27.92
CA ALA D 132 26.30 7.18 28.43
C ALA D 132 25.19 7.67 27.51
N SER D 133 24.36 6.75 27.04
CA SER D 133 23.18 7.08 26.25
C SER D 133 21.95 6.66 27.03
N VAL D 134 21.08 7.63 27.35
CA VAL D 134 19.78 7.36 27.96
C VAL D 134 18.71 7.46 26.89
N VAL D 135 17.79 6.52 26.85
CA VAL D 135 16.81 6.42 25.77
C VAL D 135 15.40 6.48 26.35
N CYS D 136 14.55 7.29 25.71
CA CYS D 136 13.13 7.37 26.05
C CYS D 136 12.32 6.98 24.82
N LEU D 137 11.38 6.07 25.00
CA LEU D 137 10.56 5.53 23.92
C LEU D 137 9.12 5.97 24.11
N LEU D 138 8.53 6.51 23.03
CA LEU D 138 7.12 6.87 22.95
C LEU D 138 6.50 5.94 21.93
N ASN D 139 5.72 4.96 22.40
CA ASN D 139 5.28 3.85 21.55
C ASN D 139 3.82 4.00 21.14
N ASN D 140 3.57 3.94 19.82
CA ASN D 140 2.24 3.76 19.23
C ASN D 140 1.27 4.85 19.69
N PHE D 141 1.53 6.06 19.21
CA PHE D 141 0.70 7.21 19.53
C PHE D 141 0.16 7.88 18.27
N TYR D 142 -0.89 8.68 18.46
CA TYR D 142 -1.53 9.48 17.41
C TYR D 142 -2.31 10.61 18.06
N PRO D 143 -2.23 11.84 17.53
CA PRO D 143 -1.46 12.23 16.35
C PRO D 143 0.04 12.35 16.59
N ARG D 144 0.77 12.80 15.56
CA ARG D 144 2.22 12.74 15.59
C ARG D 144 2.85 13.75 16.54
N GLU D 145 2.14 14.83 16.86
CA GLU D 145 2.71 15.90 17.67
C GLU D 145 2.94 15.42 19.10
N ALA D 146 4.19 15.44 19.52
CA ALA D 146 4.59 14.98 20.85
C ALA D 146 5.82 15.76 21.27
N LYS D 147 5.92 16.05 22.56
CA LYS D 147 7.05 16.79 23.10
C LYS D 147 7.76 15.93 24.15
N VAL D 148 9.08 15.82 24.03
CA VAL D 148 9.91 15.11 24.98
C VAL D 148 10.83 16.10 25.67
N GLN D 149 10.90 16.03 26.99
CA GLN D 149 11.80 16.86 27.78
C GLN D 149 12.57 15.97 28.75
N TRP D 150 13.87 16.22 28.84
CA TRP D 150 14.75 15.45 29.71
C TRP D 150 15.10 16.28 30.93
N LYS D 151 15.12 15.64 32.09
CA LYS D 151 15.64 16.26 33.30
C LYS D 151 16.64 15.34 33.95
N VAL D 152 17.73 15.91 34.44
CA VAL D 152 18.74 15.19 35.21
C VAL D 152 18.83 15.86 36.56
N ASP D 153 18.45 15.13 37.61
CA ASP D 153 18.29 15.67 38.96
C ASP D 153 17.47 16.95 38.93
N ASN D 154 16.36 16.89 38.20
CA ASN D 154 15.37 17.94 38.01
C ASN D 154 15.91 19.15 37.25
N ALA D 155 17.15 19.10 36.76
CA ALA D 155 17.69 20.16 35.93
C ALA D 155 17.33 19.90 34.47
N LEU D 156 16.71 20.88 33.84
CA LEU D 156 16.23 20.71 32.47
C LEU D 156 17.41 20.60 31.50
N GLN D 157 17.36 19.58 30.64
CA GLN D 157 18.43 19.33 29.69
C GLN D 157 18.15 20.03 28.38
N SER D 158 19.21 20.55 27.74
CA SER D 158 19.06 21.29 26.51
C SER D 158 20.27 21.03 25.62
N GLY D 159 20.00 20.62 24.38
CA GLY D 159 21.04 20.47 23.39
C GLY D 159 21.75 19.14 23.36
N ASN D 160 21.48 18.24 24.30
CA ASN D 160 22.12 16.94 24.33
C ASN D 160 21.16 15.80 24.04
N SER D 161 20.08 16.08 23.29
CA SER D 161 19.08 15.08 22.93
C SER D 161 18.86 15.10 21.41
N GLN D 162 18.53 13.93 20.87
CA GLN D 162 18.15 13.80 19.47
C GLN D 162 17.00 12.81 19.40
N GLU D 163 16.10 13.02 18.44
CA GLU D 163 14.97 12.11 18.31
C GLU D 163 14.76 11.77 16.84
N SER D 164 14.08 10.64 16.63
CA SER D 164 13.61 10.27 15.29
C SER D 164 12.32 9.49 15.44
N VAL D 165 11.58 9.41 14.33
CA VAL D 165 10.19 8.99 14.35
C VAL D 165 9.96 7.97 13.24
N THR D 166 9.13 6.98 13.52
CA THR D 166 8.76 6.05 12.47
C THR D 166 7.70 6.67 11.56
N GLU D 167 7.51 6.06 10.41
CA GLU D 167 6.33 6.35 9.60
C GLU D 167 5.13 5.62 10.19
N GLN D 168 3.93 5.97 9.72
CA GLN D 168 2.71 5.39 10.26
C GLN D 168 2.72 3.87 10.13
N ASP D 169 2.46 3.19 11.25
CA ASP D 169 2.43 1.74 11.22
C ASP D 169 1.38 1.25 10.23
N SER D 170 1.76 0.24 9.44
CA SER D 170 0.88 -0.27 8.39
C SER D 170 -0.38 -0.94 8.93
N LYS D 171 -0.45 -1.20 10.23
CA LYS D 171 -1.58 -1.88 10.85
C LYS D 171 -2.49 -0.95 11.63
N ASP D 172 -1.94 -0.16 12.57
CA ASP D 172 -2.76 0.70 13.41
C ASP D 172 -2.56 2.19 13.15
N SER D 173 -1.70 2.54 12.19
CA SER D 173 -1.50 3.92 11.76
C SER D 173 -0.98 4.83 12.87
N THR D 174 -0.34 4.28 13.89
CA THR D 174 0.25 5.12 14.91
C THR D 174 1.70 5.44 14.55
N TYR D 175 2.26 6.38 15.31
CA TYR D 175 3.66 6.76 15.23
C TYR D 175 4.38 6.26 16.48
N SER D 176 5.70 6.11 16.36
CA SER D 176 6.56 5.87 17.50
C SER D 176 7.77 6.81 17.43
N LEU D 177 8.25 7.22 18.59
CA LEU D 177 9.37 8.14 18.68
C LEU D 177 10.37 7.63 19.70
N SER D 178 11.66 7.83 19.41
CA SER D 178 12.72 7.60 20.37
C SER D 178 13.52 8.88 20.51
N SER D 179 13.85 9.22 21.76
CA SER D 179 14.73 10.34 22.09
C SER D 179 15.92 9.78 22.85
N THR D 180 17.11 10.21 22.49
CA THR D 180 18.34 9.73 23.10
C THR D 180 19.09 10.89 23.72
N LEU D 181 19.33 10.79 25.02
CA LEU D 181 20.09 11.77 25.78
C LEU D 181 21.54 11.31 25.86
N THR D 182 22.47 12.18 25.49
CA THR D 182 23.89 11.85 25.45
C THR D 182 24.61 12.60 26.55
N LEU D 183 25.22 11.84 27.47
CA LEU D 183 25.99 12.42 28.55
C LEU D 183 27.36 11.74 28.62
N SER D 184 28.33 12.46 29.18
CA SER D 184 29.60 11.84 29.53
C SER D 184 29.39 10.80 30.63
N LYS D 185 30.24 9.77 30.64
CA LYS D 185 30.18 8.82 31.74
C LYS D 185 30.36 9.53 33.08
N ALA D 186 31.34 10.43 33.16
CA ALA D 186 31.52 11.21 34.38
C ALA D 186 30.24 11.96 34.76
N ASP D 187 29.61 12.62 33.78
CA ASP D 187 28.37 13.33 34.07
C ASP D 187 27.30 12.37 34.58
N TYR D 188 27.20 11.19 33.97
CA TYR D 188 26.16 10.23 34.35
C TYR D 188 26.37 9.69 35.76
N GLU D 189 27.61 9.35 36.10
CA GLU D 189 27.89 8.83 37.44
C GLU D 189 27.77 9.89 38.52
N LYS D 190 27.68 11.17 38.15
CA LYS D 190 27.66 12.26 39.10
C LYS D 190 26.26 12.77 39.38
N HIS D 191 25.23 12.18 38.75
CA HIS D 191 23.83 12.53 39.00
C HIS D 191 23.01 11.26 39.21
N LYS D 192 21.80 11.43 39.75
CA LYS D 192 21.03 10.32 40.29
C LYS D 192 19.72 10.06 39.55
N VAL D 193 18.89 11.08 39.35
CA VAL D 193 17.53 10.91 38.88
C VAL D 193 17.47 11.31 37.41
N TYR D 194 17.07 10.38 36.55
CA TYR D 194 16.99 10.61 35.11
C TYR D 194 15.54 10.47 34.68
N ALA D 195 15.00 11.52 34.06
CA ALA D 195 13.56 11.60 33.82
C ALA D 195 13.28 12.10 32.42
N CYS D 196 12.27 11.50 31.79
CA CYS D 196 11.78 11.86 30.47
C CYS D 196 10.31 12.26 30.62
N GLU D 197 9.97 13.49 30.24
CA GLU D 197 8.61 14.00 30.41
C GLU D 197 7.96 14.20 29.05
N VAL D 198 6.80 13.58 28.84
CA VAL D 198 6.19 13.44 27.53
C VAL D 198 4.86 14.18 27.50
N THR D 199 4.73 15.14 26.59
CA THR D 199 3.48 15.86 26.39
C THR D 199 2.82 15.35 25.12
N HIS D 200 1.53 15.03 25.21
CA HIS D 200 0.76 14.55 24.07
C HIS D 200 -0.71 14.77 24.37
N GLN D 201 -1.49 15.13 23.34
CA GLN D 201 -2.88 15.50 23.57
C GLN D 201 -3.74 14.33 24.00
N GLY D 202 -3.26 13.09 23.91
CA GLY D 202 -3.95 11.97 24.50
C GLY D 202 -3.81 11.83 26.01
N LEU D 203 -3.03 12.70 26.65
CA LEU D 203 -2.80 12.66 28.08
C LEU D 203 -3.47 13.83 28.78
N SER D 204 -3.97 13.58 29.99
CA SER D 204 -4.55 14.68 30.77
C SER D 204 -3.50 15.67 31.22
N SER D 205 -2.25 15.23 31.37
CA SER D 205 -1.12 16.09 31.66
C SER D 205 0.15 15.38 31.21
N PRO D 206 1.27 16.11 31.06
CA PRO D 206 2.52 15.45 30.68
C PRO D 206 2.88 14.34 31.65
N VAL D 207 3.34 13.21 31.10
CA VAL D 207 3.67 12.03 31.89
C VAL D 207 5.18 11.95 32.00
N THR D 208 5.67 11.61 33.19
CA THR D 208 7.09 11.49 33.46
C THR D 208 7.43 10.05 33.83
N LYS D 209 8.46 9.51 33.18
CA LYS D 209 9.03 8.21 33.52
C LYS D 209 10.49 8.43 33.90
N SER D 210 10.92 7.84 35.01
CA SER D 210 12.26 8.09 35.51
C SER D 210 12.88 6.82 36.09
N PHE D 211 14.20 6.86 36.27
CA PHE D 211 14.92 5.84 37.01
C PHE D 211 15.99 6.53 37.85
N ASN D 212 16.43 5.83 38.89
CA ASN D 212 17.53 6.27 39.74
C ASN D 212 18.75 5.41 39.39
N ARG D 213 19.82 6.05 38.91
CA ARG D 213 21.05 5.34 38.58
C ARG D 213 21.50 4.50 39.77
N GLY D 214 21.60 3.19 39.55
CA GLY D 214 22.08 2.30 40.58
C GLY D 214 21.02 1.51 41.33
N GLU D 215 19.83 1.36 40.77
CA GLU D 215 18.88 0.40 41.31
C GLU D 215 18.76 -0.75 40.31
N GLU E 1 -13.46 -29.32 -18.32
CA GLU E 1 -13.84 -28.40 -17.25
C GLU E 1 -12.69 -27.43 -16.97
N VAL E 2 -12.96 -26.15 -17.13
CA VAL E 2 -12.04 -25.08 -16.96
C VAL E 2 -11.45 -25.07 -15.57
N GLN E 3 -10.15 -24.93 -15.45
CA GLN E 3 -9.50 -24.79 -14.16
C GLN E 3 -8.16 -24.09 -14.25
N LEU E 4 -7.76 -23.53 -13.12
CA LEU E 4 -6.48 -22.87 -12.95
C LEU E 4 -5.83 -23.47 -11.69
N VAL E 5 -4.53 -23.74 -11.74
CA VAL E 5 -3.84 -24.39 -10.64
C VAL E 5 -2.61 -23.56 -10.27
N GLU E 6 -2.64 -22.95 -9.10
CA GLU E 6 -1.45 -22.27 -8.57
C GLU E 6 -0.50 -23.29 -7.95
N SER E 7 0.79 -22.96 -7.99
CA SER E 7 1.80 -23.78 -7.34
C SER E 7 3.05 -22.94 -7.13
N GLY E 8 3.86 -23.35 -6.16
CA GLY E 8 5.09 -22.65 -5.82
C GLY E 8 5.58 -23.06 -4.45
N THR E 9 6.82 -22.67 -4.16
CA THR E 9 7.39 -22.94 -2.84
C THR E 9 6.65 -22.11 -1.79
N GLU E 10 6.16 -22.77 -0.73
CA GLU E 10 5.44 -22.02 0.29
C GLU E 10 6.41 -21.23 1.17
N VAL E 11 7.32 -21.92 1.84
CA VAL E 11 8.10 -21.29 2.91
C VAL E 11 9.29 -20.57 2.27
N LYS E 12 9.30 -19.25 2.39
CA LYS E 12 10.36 -18.42 1.87
C LYS E 12 10.93 -17.56 2.98
N LYS E 13 12.22 -17.31 2.92
CA LYS E 13 12.92 -16.48 3.88
C LYS E 13 12.60 -15.00 3.64
N PRO E 14 12.62 -14.19 4.69
CA PRO E 14 12.47 -12.74 4.50
C PRO E 14 13.55 -12.22 3.57
N GLY E 15 13.15 -11.31 2.67
CA GLY E 15 14.04 -10.77 1.67
C GLY E 15 14.15 -11.59 0.39
N ALA E 16 13.63 -12.81 0.37
CA ALA E 16 13.72 -13.65 -0.81
C ALA E 16 12.63 -13.29 -1.83
N SER E 17 12.62 -14.01 -2.95
CA SER E 17 11.62 -13.88 -4.01
C SER E 17 10.88 -15.20 -4.16
N VAL E 18 9.59 -15.13 -4.50
CA VAL E 18 8.79 -16.31 -4.75
C VAL E 18 8.22 -16.26 -6.16
N LYS E 19 8.17 -17.41 -6.81
CA LYS E 19 7.60 -17.53 -8.15
C LYS E 19 6.45 -18.50 -8.08
N VAL E 20 5.25 -18.03 -8.46
CA VAL E 20 4.02 -18.81 -8.42
C VAL E 20 3.58 -19.06 -9.85
N SER E 21 3.30 -20.33 -10.17
CA SER E 21 2.81 -20.74 -11.47
C SER E 21 1.30 -20.87 -11.42
N CYS E 22 0.64 -20.43 -12.48
CA CYS E 22 -0.80 -20.64 -12.65
C CYS E 22 -1.04 -21.41 -13.95
N LYS E 23 -1.22 -22.73 -13.83
CA LYS E 23 -1.39 -23.61 -14.98
C LYS E 23 -2.87 -23.81 -15.23
N THR E 24 -3.32 -23.39 -16.40
CA THR E 24 -4.71 -23.47 -16.75
C THR E 24 -5.02 -24.55 -17.76
N SER E 25 -6.28 -24.93 -17.77
CA SER E 25 -6.76 -25.93 -18.68
C SER E 25 -8.24 -25.84 -18.91
N GLY E 26 -8.72 -26.40 -20.01
CA GLY E 26 -10.11 -26.39 -20.36
C GLY E 26 -10.69 -25.17 -21.08
N TYR E 27 -9.85 -24.24 -21.47
CA TYR E 27 -10.25 -23.02 -22.15
C TYR E 27 -9.11 -22.41 -22.97
N ILE E 28 -9.46 -21.55 -23.90
CA ILE E 28 -8.49 -20.90 -24.77
C ILE E 28 -7.75 -19.87 -23.95
N PHE E 29 -6.48 -20.15 -23.68
CA PHE E 29 -5.66 -19.32 -22.81
C PHE E 29 -5.65 -17.86 -23.25
N THR E 30 -5.50 -17.63 -24.56
CA THR E 30 -5.30 -16.28 -25.09
C THR E 30 -6.57 -15.44 -25.12
N ASN E 31 -7.73 -16.01 -24.80
CA ASN E 31 -8.97 -15.23 -24.76
C ASN E 31 -9.26 -14.64 -23.39
N TYR E 32 -8.36 -14.80 -22.45
CA TYR E 32 -8.60 -14.33 -21.13
C TYR E 32 -7.41 -13.66 -20.49
N TYR E 33 -7.68 -12.67 -19.64
CA TYR E 33 -6.64 -12.13 -18.79
C TYR E 33 -6.33 -13.12 -17.66
N ILE E 34 -5.20 -12.88 -17.00
CA ILE E 34 -4.86 -13.56 -15.75
C ILE E 34 -4.67 -12.48 -14.70
N HIS E 35 -5.55 -12.47 -13.70
CA HIS E 35 -5.39 -11.62 -12.53
C HIS E 35 -4.73 -12.39 -11.41
N TRP E 36 -4.02 -11.66 -10.56
CA TRP E 36 -3.45 -12.22 -9.35
C TRP E 36 -4.04 -11.49 -8.15
N VAL E 37 -4.60 -12.27 -7.23
CA VAL E 37 -5.28 -11.75 -6.05
C VAL E 37 -4.75 -12.53 -4.85
N ARG E 38 -4.48 -11.83 -3.75
CA ARG E 38 -3.98 -12.50 -2.56
C ARG E 38 -4.88 -12.21 -1.38
N GLN E 39 -4.75 -13.05 -0.35
CA GLN E 39 -5.59 -12.97 0.84
C GLN E 39 -4.72 -13.30 2.05
N ALA E 40 -4.34 -12.28 2.81
CA ALA E 40 -3.58 -12.49 4.02
C ALA E 40 -4.45 -13.17 5.08
N PRO E 41 -3.85 -13.86 6.04
CA PRO E 41 -4.65 -14.64 7.01
C PRO E 41 -5.71 -13.78 7.70
N GLY E 42 -6.96 -14.25 7.62
CA GLY E 42 -8.10 -13.60 8.23
C GLY E 42 -8.55 -12.31 7.57
N GLN E 43 -7.90 -11.88 6.48
CA GLN E 43 -8.15 -10.60 5.85
C GLN E 43 -8.91 -10.78 4.54
N GLY E 44 -9.12 -9.67 3.84
CA GLY E 44 -9.90 -9.65 2.62
C GLY E 44 -9.05 -9.91 1.39
N LEU E 45 -9.68 -9.73 0.22
CA LEU E 45 -9.03 -9.98 -1.05
C LEU E 45 -8.30 -8.74 -1.51
N GLU E 46 -7.08 -8.92 -2.02
CA GLU E 46 -6.24 -7.82 -2.46
C GLU E 46 -5.78 -8.09 -3.88
N TRP E 47 -6.18 -7.24 -4.82
CA TRP E 47 -5.78 -7.39 -6.21
C TRP E 47 -4.33 -6.94 -6.37
N MET E 48 -3.55 -7.70 -7.13
CA MET E 48 -2.13 -7.44 -7.31
C MET E 48 -1.75 -6.96 -8.70
N GLY E 49 -2.31 -7.56 -9.74
CA GLY E 49 -1.99 -7.14 -11.10
C GLY E 49 -2.70 -8.00 -12.11
N ILE E 50 -2.66 -7.56 -13.36
CA ILE E 50 -3.31 -8.24 -14.46
C ILE E 50 -2.26 -8.56 -15.53
N PHE E 51 -2.32 -9.76 -16.07
CA PHE E 51 -1.45 -10.19 -17.16
C PHE E 51 -2.29 -10.44 -18.40
N ASN E 52 -1.78 -9.97 -19.55
CA ASN E 52 -2.48 -10.11 -20.84
C ASN E 52 -1.67 -11.01 -21.76
N PRO E 53 -2.07 -12.28 -21.93
CA PRO E 53 -1.32 -13.16 -22.84
C PRO E 53 -1.26 -12.65 -24.27
N ASN E 54 -2.21 -11.81 -24.68
CA ASN E 54 -2.22 -11.23 -26.04
C ASN E 54 -1.27 -10.04 -26.06
N GLY E 55 0.01 -10.32 -26.24
CA GLY E 55 1.03 -9.30 -26.30
C GLY E 55 1.89 -9.19 -25.05
N GLY E 56 1.47 -9.80 -23.94
CA GLY E 56 2.29 -9.84 -22.75
C GLY E 56 2.19 -8.63 -21.85
N GLY E 57 1.23 -7.73 -22.10
CA GLY E 57 1.12 -6.53 -21.31
C GLY E 57 0.64 -6.78 -19.90
N THR E 58 0.94 -5.83 -19.01
CA THR E 58 0.61 -5.95 -17.60
C THR E 58 0.18 -4.59 -17.06
N SER E 59 -0.61 -4.63 -15.99
CA SER E 59 -0.83 -3.47 -15.12
C SER E 59 -0.80 -3.94 -13.67
N TYR E 60 0.12 -3.39 -12.90
CA TYR E 60 0.31 -3.78 -11.51
C TYR E 60 -0.35 -2.78 -10.58
N ALA E 61 -0.90 -3.28 -9.46
CA ALA E 61 -1.38 -2.39 -8.42
C ALA E 61 -0.23 -1.54 -7.90
N GLN E 62 -0.50 -0.26 -7.64
CA GLN E 62 0.57 0.68 -7.28
C GLN E 62 1.32 0.21 -6.04
N LYS E 63 0.66 -0.57 -5.18
CA LYS E 63 1.30 -1.04 -3.95
C LYS E 63 2.47 -1.98 -4.24
N PHE E 64 2.43 -2.70 -5.37
CA PHE E 64 3.45 -3.71 -5.68
C PHE E 64 4.37 -3.31 -6.82
N GLN E 65 4.13 -2.15 -7.45
CA GLN E 65 4.98 -1.69 -8.54
C GLN E 65 6.45 -1.68 -8.13
N GLY E 66 7.30 -2.27 -8.96
CA GLY E 66 8.70 -2.48 -8.67
C GLY E 66 9.02 -3.80 -8.00
N ARG E 67 8.05 -4.38 -7.28
CA ARG E 67 8.24 -5.62 -6.53
C ARG E 67 7.68 -6.86 -7.23
N ILE E 68 6.90 -6.68 -8.30
CA ILE E 68 6.16 -7.78 -8.89
C ILE E 68 6.42 -7.81 -10.39
N THR E 69 6.49 -9.03 -10.95
CA THR E 69 6.58 -9.24 -12.38
C THR E 69 5.62 -10.34 -12.79
N LEU E 70 4.75 -10.04 -13.74
CA LEU E 70 3.80 -11.01 -14.25
C LEU E 70 4.21 -11.40 -15.66
N THR E 71 4.27 -12.71 -15.91
CA THR E 71 4.64 -13.24 -17.22
C THR E 71 3.66 -14.35 -17.58
N GLY E 72 3.92 -14.98 -18.72
CA GLY E 72 3.14 -16.13 -19.16
C GLY E 72 3.79 -16.89 -20.29
N ASN E 73 3.49 -18.18 -20.41
CA ASN E 73 3.97 -19.02 -21.50
C ASN E 73 2.73 -19.61 -22.16
N THR E 74 2.36 -19.06 -23.32
CA THR E 74 1.10 -19.42 -23.96
C THR E 74 1.08 -20.89 -24.36
N SER E 75 2.18 -21.39 -24.94
CA SER E 75 2.19 -22.80 -25.36
C SER E 75 2.11 -23.75 -24.18
N ALA E 76 2.45 -23.29 -22.97
CA ALA E 76 2.25 -24.05 -21.75
C ALA E 76 0.94 -23.72 -21.05
N ASN E 77 0.17 -22.77 -21.59
CA ASN E 77 -1.10 -22.32 -20.98
C ASN E 77 -0.92 -21.96 -19.51
N THR E 78 0.18 -21.29 -19.20
CA THR E 78 0.61 -21.04 -17.83
C THR E 78 0.99 -19.58 -17.64
N GLY E 79 0.50 -18.98 -16.56
CA GLY E 79 0.96 -17.68 -16.13
C GLY E 79 1.88 -17.79 -14.92
N TYR E 80 2.65 -16.73 -14.68
CA TYR E 80 3.60 -16.72 -13.58
C TYR E 80 3.54 -15.37 -12.86
N MET E 81 3.83 -15.40 -11.57
CA MET E 81 3.99 -14.20 -10.75
C MET E 81 5.26 -14.32 -9.91
N VAL E 82 6.12 -13.33 -9.99
CA VAL E 82 7.28 -13.20 -9.11
C VAL E 82 7.03 -12.02 -8.18
N LEU E 83 7.21 -12.24 -6.89
CA LEU E 83 7.12 -11.18 -5.89
C LEU E 83 8.43 -11.15 -5.13
N ARG E 84 9.10 -10.00 -5.14
CA ARG E 84 10.44 -9.84 -4.62
C ARG E 84 10.42 -9.13 -3.27
N SER E 85 11.56 -9.17 -2.58
CA SER E 85 11.76 -8.52 -1.27
C SER E 85 10.62 -8.83 -0.30
N LEU E 86 10.38 -10.13 -0.10
CA LEU E 86 9.27 -10.57 0.73
C LEU E 86 9.47 -10.13 2.18
N THR E 87 8.35 -9.88 2.86
CA THR E 87 8.32 -9.66 4.30
C THR E 87 7.16 -10.47 4.89
N SER E 88 7.05 -10.44 6.23
CA SER E 88 5.99 -11.18 6.89
C SER E 88 4.61 -10.76 6.42
N GLU E 89 4.48 -9.51 5.96
CA GLU E 89 3.21 -9.01 5.47
C GLU E 89 2.87 -9.52 4.07
N ASP E 90 3.74 -10.34 3.46
CA ASP E 90 3.40 -11.02 2.22
C ASP E 90 2.93 -12.44 2.47
N THR E 91 2.91 -12.90 3.71
CA THR E 91 2.31 -14.18 4.02
C THR E 91 0.82 -14.11 3.71
N ALA E 92 0.36 -14.94 2.79
CA ALA E 92 -0.99 -14.89 2.25
C ALA E 92 -1.23 -16.14 1.42
N VAL E 93 -2.49 -16.32 1.02
CA VAL E 93 -2.86 -17.26 -0.02
C VAL E 93 -2.93 -16.49 -1.33
N TYR E 94 -2.24 -16.99 -2.36
CA TYR E 94 -2.14 -16.29 -3.64
C TYR E 94 -3.01 -17.01 -4.66
N TYR E 95 -3.95 -16.27 -5.27
CA TYR E 95 -4.87 -16.80 -6.24
C TYR E 95 -4.53 -16.29 -7.63
N CYS E 96 -4.75 -17.11 -8.66
CA CYS E 96 -4.86 -16.59 -10.00
C CYS E 96 -6.29 -16.79 -10.49
N ALA E 97 -6.71 -15.91 -11.38
CA ALA E 97 -8.05 -15.90 -11.86
C ALA E 97 -8.18 -15.39 -13.28
N ARG E 98 -9.11 -15.96 -14.01
CA ARG E 98 -9.32 -15.56 -15.37
C ARG E 98 -10.39 -14.48 -15.48
N ASP E 99 -10.37 -13.72 -16.56
CA ASP E 99 -11.31 -12.63 -16.83
C ASP E 99 -11.28 -12.45 -18.37
N PRO E 100 -12.39 -12.68 -19.05
CA PRO E 100 -12.44 -12.64 -20.52
C PRO E 100 -12.01 -11.34 -21.13
N ARG E 101 -11.19 -11.42 -22.15
CA ARG E 101 -10.68 -10.22 -22.81
C ARG E 101 -11.67 -9.61 -23.79
N THR E 102 -12.51 -10.42 -24.42
CA THR E 102 -13.22 -10.03 -25.64
C THR E 102 -14.74 -10.07 -25.50
N SER E 103 -15.27 -10.32 -24.30
CA SER E 103 -16.71 -10.57 -24.18
C SER E 103 -17.28 -9.89 -22.95
N GLY E 104 -18.51 -9.38 -23.10
CA GLY E 104 -19.31 -8.91 -21.98
C GLY E 104 -20.11 -9.99 -21.31
N ASP E 105 -19.96 -11.24 -21.74
CA ASP E 105 -20.61 -12.39 -21.11
C ASP E 105 -19.69 -12.93 -20.03
N ASN E 106 -20.25 -13.15 -18.85
CA ASN E 106 -19.48 -13.59 -17.67
C ASN E 106 -18.30 -12.62 -17.48
N ASP E 107 -18.62 -11.35 -17.54
CA ASP E 107 -17.62 -10.27 -17.55
C ASP E 107 -17.15 -10.01 -16.12
N GLY E 108 -16.29 -10.88 -15.63
CA GLY E 108 -15.67 -10.72 -14.35
C GLY E 108 -14.63 -11.79 -14.11
N PHE E 109 -14.18 -11.95 -12.88
CA PHE E 109 -13.22 -12.98 -12.54
C PHE E 109 -14.06 -14.25 -12.35
N ASP E 110 -14.33 -14.92 -13.46
CA ASP E 110 -15.22 -16.04 -13.47
C ASP E 110 -14.72 -17.41 -13.14
N MET E 111 -13.43 -17.53 -12.93
CA MET E 111 -12.84 -18.80 -12.52
C MET E 111 -11.54 -18.49 -11.84
N TRP E 112 -11.34 -19.15 -10.74
CA TRP E 112 -10.20 -18.94 -9.94
C TRP E 112 -9.53 -20.25 -9.64
N GLY E 113 -8.24 -20.20 -9.34
CA GLY E 113 -7.51 -21.36 -8.85
C GLY E 113 -7.85 -21.65 -7.40
N GLN E 114 -7.32 -22.76 -6.91
CA GLN E 114 -7.55 -23.16 -5.52
C GLN E 114 -6.75 -22.32 -4.54
N GLY E 115 -5.81 -21.52 -5.01
CA GLY E 115 -4.92 -20.75 -4.16
C GLY E 115 -3.74 -21.56 -3.68
N THR E 116 -2.60 -20.89 -3.51
CA THR E 116 -1.44 -21.57 -2.96
C THR E 116 -0.79 -20.69 -1.91
N LYS E 117 -0.34 -21.32 -0.83
CA LYS E 117 0.15 -20.59 0.34
C LYS E 117 1.59 -20.16 0.16
N VAL E 118 1.88 -18.93 0.59
CA VAL E 118 3.24 -18.47 0.76
C VAL E 118 3.37 -17.99 2.20
N THR E 119 4.29 -18.60 2.93
CA THR E 119 4.60 -18.24 4.31
C THR E 119 6.01 -17.67 4.34
N VAL E 120 6.12 -16.39 4.65
CA VAL E 120 7.40 -15.69 4.68
C VAL E 120 7.91 -15.77 6.12
N SER E 121 8.96 -16.55 6.34
CA SER E 121 9.38 -16.84 7.70
C SER E 121 10.79 -17.39 7.69
N SER E 122 11.55 -17.05 8.73
CA SER E 122 12.91 -17.54 8.89
C SER E 122 12.98 -18.81 9.71
N ALA E 123 11.83 -19.28 10.23
CA ALA E 123 11.80 -20.41 11.14
C ALA E 123 12.19 -21.70 10.43
N SER E 124 12.81 -22.61 11.19
CA SER E 124 13.11 -23.94 10.69
C SER E 124 11.94 -24.89 10.97
N THR E 125 11.79 -25.89 10.11
CA THR E 125 10.77 -26.91 10.30
C THR E 125 10.95 -27.59 11.65
N LYS E 126 9.88 -27.63 12.44
CA LYS E 126 9.93 -28.17 13.79
C LYS E 126 8.59 -28.83 14.10
N GLY E 127 8.63 -30.05 14.63
CA GLY E 127 7.45 -30.77 15.05
C GLY E 127 6.91 -30.21 16.36
N PRO E 128 5.64 -30.48 16.66
CA PRO E 128 5.03 -29.90 17.86
C PRO E 128 5.33 -30.69 19.13
N SER E 129 5.34 -29.96 20.26
CA SER E 129 5.15 -30.56 21.56
C SER E 129 3.65 -30.68 21.84
N VAL E 130 3.24 -31.79 22.42
CA VAL E 130 1.82 -32.08 22.66
C VAL E 130 1.61 -32.32 24.14
N PHE E 131 0.73 -31.53 24.76
CA PHE E 131 0.49 -31.59 26.18
C PHE E 131 -0.98 -31.84 26.49
N PRO E 132 -1.27 -32.67 27.49
CA PRO E 132 -2.67 -32.96 27.81
C PRO E 132 -3.36 -31.76 28.45
N LEU E 133 -4.64 -31.58 28.09
CA LEU E 133 -5.55 -30.73 28.85
C LEU E 133 -6.45 -31.69 29.60
N ALA E 134 -6.07 -32.00 30.85
CA ALA E 134 -6.69 -33.09 31.58
C ALA E 134 -8.06 -32.68 32.10
N PRO E 135 -9.03 -33.61 32.09
CA PRO E 135 -10.35 -33.27 32.63
C PRO E 135 -10.27 -33.14 34.14
N SER E 136 -10.97 -32.13 34.65
CA SER E 136 -10.82 -31.77 36.05
C SER E 136 -11.42 -32.84 36.97
N SER E 137 -10.96 -32.82 38.22
CA SER E 137 -11.52 -33.71 39.23
C SER E 137 -12.80 -33.16 39.84
N LYS E 138 -12.93 -31.83 39.92
CA LYS E 138 -14.07 -31.29 40.63
C LYS E 138 -15.39 -31.32 39.78
N GLY E 142 -20.85 -34.34 38.44
CA GLY E 142 -21.34 -35.24 37.42
C GLY E 142 -21.20 -34.60 36.04
N GLY E 143 -22.22 -34.79 35.20
CA GLY E 143 -22.39 -34.20 33.89
C GLY E 143 -21.49 -34.44 32.71
N THR E 144 -20.98 -33.33 32.23
CA THR E 144 -20.16 -33.28 31.05
C THR E 144 -18.77 -32.85 31.44
N ALA E 145 -17.76 -33.46 30.87
CA ALA E 145 -16.40 -33.12 31.15
C ALA E 145 -15.72 -32.65 29.88
N ALA E 146 -14.79 -31.74 30.02
CA ALA E 146 -14.00 -31.25 28.89
C ALA E 146 -12.55 -31.67 29.03
N LEU E 147 -11.95 -32.09 27.92
CA LEU E 147 -10.55 -32.46 27.89
C LEU E 147 -9.99 -32.13 26.51
N GLY E 148 -8.67 -32.16 26.37
CA GLY E 148 -8.08 -31.84 25.09
C GLY E 148 -6.60 -32.07 25.04
N CYS E 149 -5.98 -31.47 24.04
CA CYS E 149 -4.54 -31.48 23.89
C CYS E 149 -4.07 -30.13 23.40
N LEU E 150 -2.99 -29.65 24.02
CA LEU E 150 -2.32 -28.43 23.59
C LEU E 150 -1.22 -28.83 22.62
N VAL E 151 -1.27 -28.29 21.39
CA VAL E 151 -0.30 -28.58 20.36
C VAL E 151 0.53 -27.32 20.15
N LYS E 152 1.77 -27.32 20.64
CA LYS E 152 2.55 -26.10 20.79
C LYS E 152 3.83 -26.14 19.98
N ASP E 153 4.20 -24.97 19.43
CA ASP E 153 5.55 -24.69 18.93
C ASP E 153 5.94 -25.61 17.77
N TYR E 154 5.22 -25.47 16.66
CA TYR E 154 5.52 -26.18 15.44
C TYR E 154 5.58 -25.20 14.27
N PHE E 155 6.20 -25.66 13.19
CA PHE E 155 6.36 -24.86 11.98
C PHE E 155 6.76 -25.78 10.83
N PRO E 156 6.19 -25.61 9.63
CA PRO E 156 5.09 -24.67 9.35
C PRO E 156 3.73 -25.30 9.66
N GLU E 157 2.66 -24.65 9.21
CA GLU E 157 1.36 -25.29 9.23
C GLU E 157 1.31 -26.37 8.15
N PRO E 158 0.38 -27.34 8.26
CA PRO E 158 -0.57 -27.55 9.36
C PRO E 158 -0.23 -28.74 10.23
N VAL E 159 -0.91 -28.85 11.37
CA VAL E 159 -1.05 -30.12 12.07
C VAL E 159 -2.46 -30.62 11.84
N THR E 160 -2.63 -31.93 11.97
CA THR E 160 -3.95 -32.52 12.04
C THR E 160 -4.11 -33.15 13.42
N VAL E 161 -5.33 -33.09 13.95
CA VAL E 161 -5.65 -33.75 15.21
C VAL E 161 -6.86 -34.64 15.01
N SER E 162 -6.75 -35.89 15.47
CA SER E 162 -7.91 -36.75 15.63
C SER E 162 -7.96 -37.22 17.08
N TRP E 163 -9.07 -37.86 17.43
CA TRP E 163 -9.28 -38.38 18.78
C TRP E 163 -9.63 -39.85 18.68
N ASN E 164 -8.92 -40.67 19.46
CA ASN E 164 -9.14 -42.11 19.49
C ASN E 164 -9.12 -42.68 18.08
N SER E 165 -8.20 -42.16 17.27
CA SER E 165 -7.95 -42.61 15.90
C SER E 165 -9.18 -42.53 15.01
N GLY E 166 -10.01 -41.50 15.24
CA GLY E 166 -11.21 -41.26 14.48
C GLY E 166 -12.47 -41.85 15.06
N ALA E 167 -12.37 -42.60 16.16
CA ALA E 167 -13.56 -43.16 16.80
C ALA E 167 -14.35 -42.10 17.58
N LEU E 168 -13.72 -40.98 17.91
CA LEU E 168 -14.37 -39.88 18.62
C LEU E 168 -14.36 -38.65 17.73
N THR E 169 -15.53 -38.24 17.27
CA THR E 169 -15.70 -37.07 16.42
C THR E 169 -16.71 -36.08 16.98
N SER E 170 -17.82 -36.57 17.55
CA SER E 170 -18.83 -35.69 18.13
C SER E 170 -18.23 -34.90 19.29
N GLY E 171 -18.50 -33.60 19.32
CA GLY E 171 -18.04 -32.72 20.37
C GLY E 171 -16.63 -32.20 20.21
N VAL E 172 -15.91 -32.60 19.16
CA VAL E 172 -14.52 -32.17 19.00
C VAL E 172 -14.49 -30.76 18.42
N HIS E 173 -13.67 -29.90 19.02
CA HIS E 173 -13.42 -28.55 18.50
C HIS E 173 -11.90 -28.37 18.42
N THR E 174 -11.37 -28.24 17.23
CA THR E 174 -9.94 -27.98 17.03
C THR E 174 -9.77 -26.54 16.58
N PHE E 175 -9.06 -25.76 17.40
CA PHE E 175 -9.02 -24.33 17.16
C PHE E 175 -8.06 -23.98 16.03
N PRO E 176 -8.29 -22.85 15.36
CA PRO E 176 -7.31 -22.38 14.37
C PRO E 176 -5.96 -22.15 15.02
N ALA E 177 -4.91 -22.26 14.21
CA ALA E 177 -3.55 -22.06 14.71
C ALA E 177 -3.27 -20.58 14.90
N VAL E 178 -2.44 -20.28 15.89
CA VAL E 178 -1.98 -18.93 16.19
C VAL E 178 -0.49 -18.87 15.95
N LEU E 179 -0.05 -17.90 15.17
CA LEU E 179 1.38 -17.61 15.01
C LEU E 179 1.84 -16.83 16.23
N GLN E 180 2.66 -17.46 17.06
CA GLN E 180 3.11 -16.79 18.27
C GLN E 180 4.24 -15.83 17.95
N SER E 181 4.49 -14.93 18.89
CA SER E 181 5.56 -13.96 18.70
C SER E 181 6.92 -14.60 18.52
N SER E 182 7.06 -15.88 18.88
CA SER E 182 8.31 -16.63 18.72
C SER E 182 8.57 -17.13 17.30
N GLY E 183 7.59 -17.03 16.40
CA GLY E 183 7.74 -17.56 15.06
C GLY E 183 7.14 -18.94 14.86
N LEU E 184 6.69 -19.58 15.92
CA LEU E 184 6.11 -20.91 15.85
C LEU E 184 4.60 -20.83 16.06
N TYR E 185 3.92 -21.88 15.63
CA TYR E 185 2.47 -21.96 15.68
C TYR E 185 2.02 -22.80 16.88
N SER E 186 0.80 -22.54 17.33
CA SER E 186 0.24 -23.26 18.46
C SER E 186 -1.27 -23.39 18.28
N LEU E 187 -1.83 -24.47 18.81
CA LEU E 187 -3.27 -24.62 18.85
C LEU E 187 -3.64 -25.61 19.94
N SER E 188 -4.94 -25.66 20.24
CA SER E 188 -5.48 -26.69 21.11
C SER E 188 -6.63 -27.37 20.38
N SER E 189 -6.84 -28.64 20.73
CA SER E 189 -8.01 -29.38 20.29
C SER E 189 -8.72 -29.87 21.55
N VAL E 190 -10.03 -29.67 21.64
CA VAL E 190 -10.77 -30.06 22.83
C VAL E 190 -11.99 -30.88 22.41
N VAL E 191 -12.58 -31.54 23.40
CA VAL E 191 -13.76 -32.38 23.19
C VAL E 191 -14.50 -32.48 24.53
N THR E 192 -15.82 -32.52 24.47
CA THR E 192 -16.64 -32.77 25.65
C THR E 192 -17.20 -34.18 25.58
N VAL E 193 -17.15 -34.87 26.70
CA VAL E 193 -17.62 -36.25 26.82
C VAL E 193 -18.44 -36.35 28.11
N PRO E 194 -19.18 -37.42 28.30
CA PRO E 194 -19.87 -37.50 29.57
C PRO E 194 -18.86 -37.74 30.70
N SER E 195 -19.13 -37.23 31.88
CA SER E 195 -18.24 -37.46 32.99
C SER E 195 -18.13 -38.94 33.34
N SER E 196 -19.26 -39.62 33.27
CA SER E 196 -19.40 -41.01 33.53
C SER E 196 -18.50 -41.89 32.63
N SER E 197 -17.90 -41.32 31.60
CA SER E 197 -17.06 -42.10 30.71
C SER E 197 -15.58 -42.02 31.04
N LEU E 198 -15.17 -41.18 32.01
CA LEU E 198 -13.75 -40.97 32.23
C LEU E 198 -13.05 -42.21 32.75
N GLY E 199 -13.78 -43.08 33.46
CA GLY E 199 -13.20 -44.31 33.97
C GLY E 199 -13.33 -45.52 33.08
N THR E 200 -14.11 -45.43 32.01
CA THR E 200 -14.36 -46.55 31.12
C THR E 200 -13.84 -46.36 29.71
N GLN E 201 -13.61 -45.13 29.27
CA GLN E 201 -13.14 -44.85 27.92
C GLN E 201 -11.85 -44.04 28.00
N THR E 202 -10.81 -44.51 27.35
CA THR E 202 -9.59 -43.72 27.25
C THR E 202 -9.71 -42.69 26.14
N TYR E 203 -8.96 -41.60 26.28
CA TYR E 203 -8.99 -40.50 25.32
C TYR E 203 -7.56 -40.18 24.90
N ILE E 204 -7.31 -40.21 23.60
CA ILE E 204 -5.98 -40.05 23.03
C ILE E 204 -6.10 -39.09 21.85
N CYS E 205 -5.34 -38.00 21.86
CA CYS E 205 -5.27 -37.17 20.67
C CYS E 205 -4.14 -37.68 19.78
N ASN E 206 -4.42 -37.79 18.50
CA ASN E 206 -3.47 -38.22 17.49
C ASN E 206 -3.06 -37.00 16.72
N VAL E 207 -1.82 -36.55 16.91
CA VAL E 207 -1.34 -35.30 16.35
C VAL E 207 -0.30 -35.63 15.30
N ASN E 208 -0.52 -35.16 14.08
CA ASN E 208 0.38 -35.41 12.96
C ASN E 208 0.89 -34.08 12.41
N HIS E 209 2.17 -34.03 12.10
CA HIS E 209 2.79 -32.86 11.48
C HIS E 209 3.63 -33.38 10.31
N LYS E 210 3.02 -33.41 9.13
CA LYS E 210 3.67 -33.96 7.96
C LYS E 210 5.01 -33.31 7.62
N PRO E 211 5.16 -31.98 7.70
CA PRO E 211 6.44 -31.38 7.29
C PRO E 211 7.65 -31.85 8.09
N SER E 212 7.47 -32.41 9.29
CA SER E 212 8.62 -32.59 10.19
C SER E 212 8.85 -34.03 10.63
N ASN E 213 8.24 -35.03 9.98
CA ASN E 213 8.45 -36.44 10.35
C ASN E 213 7.97 -36.69 11.78
N THR E 214 6.81 -36.14 12.14
CA THR E 214 6.34 -36.28 13.52
C THR E 214 4.90 -36.79 13.56
N LYS E 215 4.68 -37.82 14.37
CA LYS E 215 3.35 -38.27 14.75
C LYS E 215 3.38 -38.54 16.24
N VAL E 216 2.39 -38.03 16.96
CA VAL E 216 2.35 -38.14 18.42
C VAL E 216 0.94 -38.52 18.82
N ASP E 217 0.83 -39.56 19.65
CA ASP E 217 -0.43 -39.94 20.30
C ASP E 217 -0.27 -39.69 21.79
N LYS E 218 -1.08 -38.78 22.33
CA LYS E 218 -0.97 -38.39 23.73
C LYS E 218 -2.23 -38.83 24.48
N LYS E 219 -2.07 -39.76 25.42
CA LYS E 219 -3.19 -40.14 26.27
C LYS E 219 -3.47 -39.02 27.26
N VAL E 220 -4.74 -38.70 27.44
CA VAL E 220 -5.18 -37.60 28.30
C VAL E 220 -5.93 -38.20 29.48
N GLU E 221 -5.24 -38.33 30.62
CA GLU E 221 -5.69 -38.98 31.85
C GLU E 221 -6.47 -38.01 32.73
N PRO E 222 -7.54 -38.50 33.38
CA PRO E 222 -8.32 -37.73 34.35
C PRO E 222 -7.49 -37.26 35.54
N VAL F 1 -13.02 3.55 -3.16
CA VAL F 1 -13.11 2.67 -1.99
C VAL F 1 -14.51 2.06 -1.90
N LEU F 2 -14.58 0.78 -1.60
CA LEU F 2 -15.84 0.05 -1.44
C LEU F 2 -16.03 -0.28 0.03
N THR F 3 -17.21 0.05 0.56
CA THR F 3 -17.54 -0.21 1.96
C THR F 3 -18.74 -1.15 2.00
N GLN F 4 -18.59 -2.27 2.69
CA GLN F 4 -19.68 -3.24 2.83
C GLN F 4 -20.27 -3.18 4.22
N SER F 5 -21.60 -3.04 4.29
CA SER F 5 -22.32 -2.89 5.55
C SER F 5 -23.51 -3.82 5.62
N PRO F 6 -23.81 -4.39 6.80
CA PRO F 6 -22.85 -4.40 7.91
C PRO F 6 -21.79 -5.45 7.64
N ALA F 7 -20.78 -5.57 8.51
CA ALA F 7 -19.74 -6.57 8.28
C ALA F 7 -20.24 -7.99 8.52
N THR F 8 -21.29 -8.15 9.32
CA THR F 8 -21.82 -9.47 9.65
C THR F 8 -23.34 -9.41 9.64
N LEU F 9 -23.96 -10.35 8.93
CA LEU F 9 -25.41 -10.50 8.93
C LEU F 9 -25.77 -11.83 9.56
N SER F 10 -26.65 -11.79 10.54
CA SER F 10 -27.09 -12.99 11.25
C SER F 10 -28.53 -13.26 10.86
N LEU F 11 -28.76 -14.35 10.15
CA LEU F 11 -30.08 -14.69 9.62
C LEU F 11 -30.32 -16.18 9.76
N SER F 12 -31.59 -16.56 9.86
CA SER F 12 -31.96 -17.96 9.90
C SER F 12 -32.04 -18.52 8.48
N PRO F 13 -31.88 -19.83 8.31
CA PRO F 13 -32.06 -20.43 6.99
C PRO F 13 -33.46 -20.19 6.46
N GLY F 14 -33.55 -19.87 5.18
CA GLY F 14 -34.80 -19.53 4.54
C GLY F 14 -35.14 -18.06 4.52
N GLU F 15 -34.45 -17.26 5.33
CA GLU F 15 -34.72 -15.83 5.38
C GLU F 15 -34.11 -15.12 4.16
N ARG F 16 -34.61 -13.91 3.90
CA ARG F 16 -34.11 -13.08 2.82
C ARG F 16 -32.89 -12.29 3.32
N ALA F 17 -31.84 -12.26 2.51
CA ALA F 17 -30.59 -11.60 2.86
C ALA F 17 -30.37 -10.40 1.95
N THR F 18 -30.03 -9.25 2.54
CA THR F 18 -29.75 -8.03 1.81
C THR F 18 -28.38 -7.50 2.22
N LEU F 19 -27.43 -7.55 1.30
CA LEU F 19 -26.05 -7.15 1.55
C LEU F 19 -25.75 -5.87 0.79
N SER F 20 -25.09 -4.93 1.46
CA SER F 20 -24.86 -3.60 0.91
C SER F 20 -23.38 -3.42 0.57
N CYS F 21 -23.13 -2.73 -0.53
CA CYS F 21 -21.79 -2.30 -0.91
C CYS F 21 -21.91 -0.90 -1.47
N ARG F 22 -21.20 0.06 -0.88
CA ARG F 22 -21.25 1.44 -1.34
C ARG F 22 -19.87 1.90 -1.76
N ALA F 23 -19.83 2.64 -2.87
CA ALA F 23 -18.58 3.19 -3.38
C ALA F 23 -18.38 4.60 -2.84
N SER F 24 -17.16 4.95 -2.52
CA SER F 24 -16.84 6.26 -1.98
C SER F 24 -17.12 7.35 -3.01
N GLN F 25 -17.00 6.96 -4.27
CA GLN F 25 -17.18 7.80 -5.41
C GLN F 25 -18.02 7.05 -6.39
N SER F 26 -18.86 7.75 -7.15
CA SER F 26 -19.78 7.15 -8.11
C SER F 26 -19.00 6.30 -9.10
N LEU F 27 -19.56 5.14 -9.41
CA LEU F 27 -18.92 4.16 -10.28
C LEU F 27 -19.05 4.40 -11.79
N SER F 28 -18.50 5.52 -12.25
CA SER F 28 -18.38 5.94 -13.66
C SER F 28 -19.71 6.06 -14.32
N SER F 29 -19.74 5.89 -15.62
CA SER F 29 -21.02 5.81 -16.25
C SER F 29 -21.36 4.33 -16.44
N TYR F 30 -20.35 3.46 -16.37
CA TYR F 30 -20.54 2.03 -16.50
C TYR F 30 -21.38 1.42 -15.39
N ASN F 31 -21.23 1.92 -14.17
CA ASN F 31 -21.91 1.35 -13.02
C ASN F 31 -21.65 -0.15 -12.87
N TYR F 32 -20.40 -0.53 -13.01
CA TYR F 32 -20.03 -1.91 -12.89
C TYR F 32 -19.77 -2.30 -11.46
N LEU F 33 -20.38 -3.39 -11.04
CA LEU F 33 -20.03 -4.00 -9.77
C LEU F 33 -20.12 -5.52 -9.92
N ALA F 34 -19.18 -6.21 -9.29
CA ALA F 34 -19.18 -7.67 -9.24
C ALA F 34 -19.27 -8.13 -7.80
N TRP F 35 -19.95 -9.26 -7.60
CA TRP F 35 -20.09 -9.88 -6.28
C TRP F 35 -19.46 -11.27 -6.32
N TYR F 36 -18.73 -11.62 -5.25
CA TYR F 36 -18.07 -12.91 -5.11
C TYR F 36 -18.46 -13.56 -3.79
N GLN F 37 -18.63 -14.89 -3.81
CA GLN F 37 -18.92 -15.68 -2.62
C GLN F 37 -17.69 -16.50 -2.25
N GLN F 38 -17.36 -16.55 -0.96
CA GLN F 38 -16.23 -17.34 -0.50
C GLN F 38 -16.58 -18.11 0.76
N LYS F 39 -16.36 -19.42 0.71
CA LYS F 39 -16.46 -20.26 1.90
C LYS F 39 -15.07 -20.54 2.45
N PRO F 40 -14.97 -20.92 3.73
CA PRO F 40 -13.65 -21.23 4.31
C PRO F 40 -12.91 -22.30 3.52
N GLY F 41 -11.62 -22.06 3.29
CA GLY F 41 -10.79 -23.00 2.57
C GLY F 41 -11.07 -23.13 1.10
N GLN F 42 -11.88 -22.23 0.53
CA GLN F 42 -12.25 -22.30 -0.87
C GLN F 42 -11.97 -20.98 -1.55
N ALA F 43 -11.80 -21.05 -2.87
CA ALA F 43 -11.56 -19.84 -3.64
C ALA F 43 -12.84 -19.04 -3.81
N PRO F 44 -12.73 -17.72 -4.00
CA PRO F 44 -13.92 -16.93 -4.32
C PRO F 44 -14.59 -17.43 -5.58
N ARG F 45 -15.89 -17.21 -5.67
CA ARG F 45 -16.71 -17.62 -6.80
C ARG F 45 -17.56 -16.46 -7.26
N LEU F 46 -17.48 -16.12 -8.53
CA LEU F 46 -18.26 -15.02 -9.06
C LEU F 46 -19.75 -15.32 -9.04
N LEU F 47 -20.53 -14.42 -8.46
CA LEU F 47 -21.98 -14.51 -8.41
C LEU F 47 -22.67 -13.57 -9.40
N ILE F 48 -22.30 -12.29 -9.35
CA ILE F 48 -22.94 -11.22 -10.11
C ILE F 48 -21.86 -10.38 -10.75
N TYR F 49 -22.09 -9.94 -11.99
CA TYR F 49 -21.24 -8.95 -12.63
C TYR F 49 -22.14 -7.90 -13.28
N ALA F 50 -21.53 -6.76 -13.64
CA ALA F 50 -22.27 -5.64 -14.23
C ALA F 50 -23.45 -5.22 -13.36
N ALA F 51 -23.25 -5.33 -12.04
CA ALA F 51 -24.22 -4.95 -11.00
C ALA F 51 -25.42 -5.89 -10.92
N SER F 52 -25.92 -6.38 -12.05
CA SER F 52 -27.19 -7.10 -12.08
C SER F 52 -27.20 -8.41 -12.84
N LYS F 53 -26.07 -8.85 -13.40
CA LYS F 53 -26.02 -10.05 -14.23
C LYS F 53 -25.52 -11.24 -13.41
N ARG F 54 -26.30 -12.31 -13.38
CA ARG F 54 -25.84 -13.54 -12.76
C ARG F 54 -24.83 -14.25 -13.65
N ALA F 55 -23.75 -14.74 -13.04
CA ALA F 55 -22.82 -15.58 -13.79
C ALA F 55 -23.47 -16.93 -14.10
N THR F 56 -22.96 -17.59 -15.14
CA THR F 56 -23.52 -18.85 -15.57
C THR F 56 -23.49 -19.87 -14.45
N GLY F 57 -24.62 -20.55 -14.22
CA GLY F 57 -24.72 -21.56 -13.21
C GLY F 57 -24.99 -21.08 -11.80
N ILE F 58 -25.17 -19.78 -11.60
CA ILE F 58 -25.48 -19.25 -10.27
C ILE F 58 -26.98 -19.35 -10.06
N PRO F 59 -27.43 -19.88 -8.92
CA PRO F 59 -28.87 -20.05 -8.69
C PRO F 59 -29.62 -18.73 -8.78
N ALA F 60 -30.89 -18.82 -9.22
CA ALA F 60 -31.69 -17.63 -9.44
C ALA F 60 -32.00 -16.86 -8.16
N ARG F 61 -31.82 -17.48 -6.98
CA ARG F 61 -32.09 -16.79 -5.73
C ARG F 61 -31.12 -15.63 -5.49
N PHE F 62 -29.99 -15.61 -6.20
CA PHE F 62 -29.05 -14.49 -6.14
C PHE F 62 -29.43 -13.43 -7.18
N SER F 63 -29.60 -12.19 -6.72
CA SER F 63 -29.82 -11.07 -7.62
C SER F 63 -29.06 -9.85 -7.12
N GLY F 64 -28.64 -9.00 -8.04
CA GLY F 64 -27.89 -7.80 -7.69
C GLY F 64 -28.59 -6.57 -8.24
N SER F 65 -28.36 -5.44 -7.58
CA SER F 65 -28.95 -4.18 -8.02
C SER F 65 -28.05 -3.03 -7.59
N GLY F 66 -28.34 -1.84 -8.10
CA GLY F 66 -27.67 -0.63 -7.70
C GLY F 66 -27.04 0.12 -8.86
N SER F 67 -26.64 1.36 -8.56
CA SER F 67 -26.04 2.27 -9.53
C SER F 67 -25.45 3.42 -8.74
N GLY F 68 -24.59 4.20 -9.40
CA GLY F 68 -23.95 5.32 -8.75
C GLY F 68 -23.02 4.86 -7.65
N THR F 69 -23.37 5.16 -6.39
CA THR F 69 -22.58 4.73 -5.24
C THR F 69 -23.20 3.58 -4.45
N ASP F 70 -24.49 3.28 -4.66
CA ASP F 70 -25.21 2.37 -3.79
C ASP F 70 -25.55 1.08 -4.53
N PHE F 71 -25.15 -0.06 -3.96
CA PHE F 71 -25.37 -1.36 -4.58
C PHE F 71 -25.77 -2.38 -3.53
N THR F 72 -26.51 -3.41 -3.96
CA THR F 72 -27.03 -4.44 -3.07
C THR F 72 -27.00 -5.80 -3.74
N LEU F 73 -26.61 -6.81 -2.97
CA LEU F 73 -26.80 -8.21 -3.35
C LEU F 73 -27.96 -8.76 -2.52
N THR F 74 -28.86 -9.47 -3.18
CA THR F 74 -30.03 -10.04 -2.51
C THR F 74 -30.05 -11.55 -2.72
N ILE F 75 -30.17 -12.28 -1.61
CA ILE F 75 -30.44 -13.71 -1.64
C ILE F 75 -31.88 -13.89 -1.17
N SER F 76 -32.76 -14.31 -2.07
CA SER F 76 -34.20 -14.30 -1.78
C SER F 76 -34.55 -15.21 -0.62
N SER F 77 -33.84 -16.32 -0.46
CA SER F 77 -34.11 -17.26 0.62
C SER F 77 -32.85 -18.08 0.85
N LEU F 78 -32.24 -17.93 2.03
CA LEU F 78 -30.93 -18.52 2.30
C LEU F 78 -31.01 -20.04 2.39
N GLU F 79 -30.24 -20.72 1.55
CA GLU F 79 -29.97 -22.15 1.68
C GLU F 79 -28.76 -22.36 2.58
N PRO F 80 -28.64 -23.53 3.21
CA PRO F 80 -27.50 -23.76 4.11
C PRO F 80 -26.15 -23.44 3.49
N GLU F 81 -25.97 -23.72 2.19
CA GLU F 81 -24.71 -23.43 1.53
C GLU F 81 -24.47 -21.94 1.31
N ASP F 82 -25.42 -21.07 1.68
CA ASP F 82 -25.27 -19.64 1.41
C ASP F 82 -24.64 -18.88 2.57
N PHE F 83 -24.48 -19.50 3.72
CA PHE F 83 -23.81 -18.85 4.84
C PHE F 83 -22.31 -18.87 4.54
N ALA F 84 -21.78 -17.71 4.18
CA ALA F 84 -20.44 -17.57 3.62
C ALA F 84 -20.09 -16.10 3.67
N VAL F 85 -18.91 -15.78 3.17
CA VAL F 85 -18.47 -14.39 3.05
C VAL F 85 -18.70 -13.93 1.62
N TYR F 86 -19.10 -12.68 1.47
CA TYR F 86 -19.42 -12.10 0.17
C TYR F 86 -18.61 -10.81 -0.01
N PHE F 87 -17.93 -10.69 -1.14
CA PHE F 87 -17.12 -9.52 -1.45
C PHE F 87 -17.70 -8.82 -2.66
N CYS F 88 -17.71 -7.50 -2.64
CA CYS F 88 -18.02 -6.73 -3.84
C CYS F 88 -16.72 -6.19 -4.45
N GLN F 89 -16.80 -5.81 -5.73
CA GLN F 89 -15.63 -5.47 -6.52
C GLN F 89 -16.01 -4.46 -7.59
N GLN F 90 -15.16 -3.45 -7.77
CA GLN F 90 -15.28 -2.49 -8.85
C GLN F 90 -13.99 -2.52 -9.66
N ARG F 91 -13.99 -1.82 -10.80
CA ARG F 91 -12.84 -1.82 -11.69
C ARG F 91 -12.76 -0.47 -12.38
N SER F 92 -11.57 -0.17 -12.90
CA SER F 92 -11.36 1.11 -13.57
C SER F 92 -10.32 0.92 -14.66
N ASN F 93 -10.19 1.95 -15.50
CA ASN F 93 -9.25 1.96 -16.60
C ASN F 93 -8.43 3.24 -16.54
N ARG F 94 -7.28 3.19 -17.21
CA ARG F 94 -6.36 4.32 -17.31
C ARG F 94 -6.02 4.90 -15.94
N PRO F 95 -5.28 4.18 -15.09
CA PRO F 95 -4.77 2.83 -15.32
C PRO F 95 -5.77 1.73 -14.94
N PRO F 96 -5.60 0.55 -15.50
CA PRO F 96 -6.40 -0.61 -15.04
C PRO F 96 -6.15 -0.88 -13.56
N ALA F 97 -7.24 -1.06 -12.82
CA ALA F 97 -7.18 -1.30 -11.39
C ALA F 97 -8.49 -1.95 -10.95
N TRP F 98 -8.38 -2.90 -10.03
CA TRP F 98 -9.51 -3.58 -9.42
C TRP F 98 -9.40 -3.45 -7.90
N THR F 99 -10.51 -3.16 -7.25
CA THR F 99 -10.52 -3.04 -5.80
C THR F 99 -11.70 -3.83 -5.24
N PHE F 100 -11.56 -4.26 -3.99
CA PHE F 100 -12.57 -5.07 -3.32
C PHE F 100 -13.10 -4.33 -2.09
N GLY F 101 -14.35 -4.63 -1.74
CA GLY F 101 -14.80 -4.35 -0.40
C GLY F 101 -14.23 -5.36 0.57
N GLN F 102 -14.34 -5.07 1.86
CA GLN F 102 -13.76 -5.94 2.87
C GLN F 102 -14.66 -7.10 3.26
N GLY F 103 -15.84 -7.21 2.67
CA GLY F 103 -16.63 -8.43 2.80
C GLY F 103 -17.68 -8.34 3.90
N THR F 104 -18.77 -9.08 3.72
CA THR F 104 -19.81 -9.26 4.72
C THR F 104 -19.99 -10.74 4.96
N LYS F 105 -19.95 -11.15 6.23
CA LYS F 105 -20.15 -12.54 6.59
C LYS F 105 -21.62 -12.77 6.90
N VAL F 106 -22.27 -13.65 6.13
CA VAL F 106 -23.63 -14.09 6.42
C VAL F 106 -23.53 -15.29 7.36
N GLU F 107 -24.04 -15.11 8.57
CA GLU F 107 -23.89 -16.04 9.69
C GLU F 107 -25.25 -16.64 10.06
N ILE F 108 -25.22 -17.86 10.60
CA ILE F 108 -26.44 -18.60 10.95
C ILE F 108 -26.98 -18.08 12.27
N LYS F 109 -28.15 -17.47 12.23
CA LYS F 109 -28.84 -17.03 13.45
C LYS F 109 -29.46 -18.23 14.16
N ARG F 110 -29.31 -18.24 15.49
CA ARG F 110 -29.91 -19.27 16.33
C ARG F 110 -30.20 -18.65 17.70
N THR F 111 -30.83 -19.43 18.57
CA THR F 111 -31.14 -18.96 19.92
C THR F 111 -29.86 -18.72 20.71
N VAL F 112 -29.96 -17.83 21.70
CA VAL F 112 -28.84 -17.59 22.60
C VAL F 112 -28.49 -18.89 23.32
N ALA F 113 -27.19 -19.17 23.44
CA ALA F 113 -26.70 -20.29 24.23
C ALA F 113 -25.54 -19.79 25.08
N ALA F 114 -25.63 -20.01 26.40
CA ALA F 114 -24.55 -19.61 27.27
C ALA F 114 -23.35 -20.56 27.11
N PRO F 115 -22.13 -20.04 27.25
CA PRO F 115 -20.96 -20.94 27.15
C PRO F 115 -20.83 -21.81 28.38
N SER F 116 -20.37 -23.04 28.17
CA SER F 116 -19.86 -23.86 29.26
C SER F 116 -18.36 -23.57 29.37
N VAL F 117 -17.92 -23.23 30.58
CA VAL F 117 -16.57 -22.72 30.80
C VAL F 117 -15.76 -23.76 31.57
N PHE F 118 -14.52 -23.99 31.13
CA PHE F 118 -13.61 -24.93 31.75
C PHE F 118 -12.22 -24.31 31.79
N ILE F 119 -11.48 -24.54 32.87
CA ILE F 119 -10.13 -24.02 33.02
C ILE F 119 -9.17 -25.20 33.21
N PHE F 120 -8.05 -25.16 32.49
CA PHE F 120 -7.06 -26.23 32.54
C PHE F 120 -5.75 -25.69 33.07
N PRO F 121 -5.21 -26.24 34.16
CA PRO F 121 -3.85 -25.88 34.56
C PRO F 121 -2.85 -26.42 33.56
N PRO F 122 -1.61 -25.93 33.57
CA PRO F 122 -0.59 -26.54 32.72
C PRO F 122 -0.27 -27.95 33.17
N SER F 123 0.05 -28.82 32.20
CA SER F 123 0.46 -30.17 32.53
C SER F 123 1.81 -30.14 33.25
N ASP F 124 2.02 -31.13 34.13
CA ASP F 124 3.33 -31.26 34.75
C ASP F 124 4.41 -31.48 33.71
N GLU F 125 4.06 -32.17 32.62
CA GLU F 125 5.01 -32.43 31.54
C GLU F 125 5.54 -31.14 30.93
N GLN F 126 4.65 -30.16 30.70
CA GLN F 126 5.08 -28.88 30.17
C GLN F 126 5.84 -28.07 31.22
N LEU F 127 5.46 -28.18 32.48
CA LEU F 127 6.11 -27.38 33.52
C LEU F 127 7.59 -27.69 33.62
N LYS F 128 7.99 -28.94 33.33
CA LYS F 128 9.41 -29.25 33.24
C LYS F 128 10.12 -28.38 32.22
N SER F 129 9.45 -28.08 31.11
CA SER F 129 10.03 -27.26 30.05
C SER F 129 10.34 -25.84 30.50
N GLY F 130 9.79 -25.40 31.63
CA GLY F 130 9.94 -24.02 32.05
C GLY F 130 8.87 -23.09 31.55
N THR F 131 7.85 -23.60 30.89
CA THR F 131 6.72 -22.81 30.42
C THR F 131 5.44 -23.37 31.01
N ALA F 132 4.50 -22.48 31.33
CA ALA F 132 3.20 -22.84 31.86
C ALA F 132 2.14 -22.22 30.96
N SER F 133 1.35 -23.07 30.33
CA SER F 133 0.22 -22.63 29.51
C SER F 133 -1.07 -22.96 30.26
N VAL F 134 -1.83 -21.94 30.62
CA VAL F 134 -3.12 -22.10 31.27
C VAL F 134 -4.19 -21.81 30.24
N VAL F 135 -5.18 -22.70 30.14
CA VAL F 135 -6.17 -22.64 29.08
C VAL F 135 -7.56 -22.53 29.70
N CYS F 136 -8.33 -21.59 29.19
CA CYS F 136 -9.73 -21.45 29.56
C CYS F 136 -10.57 -21.66 28.33
N LEU F 137 -11.55 -22.56 28.42
CA LEU F 137 -12.35 -22.98 27.28
C LEU F 137 -13.77 -22.46 27.44
N LEU F 138 -14.28 -21.81 26.38
CA LEU F 138 -15.68 -21.39 26.29
C LEU F 138 -16.32 -22.26 25.21
N ASN F 139 -17.23 -23.14 25.60
CA ASN F 139 -17.72 -24.17 24.70
C ASN F 139 -19.17 -23.93 24.32
N ASN F 140 -19.43 -23.96 23.00
CA ASN F 140 -20.77 -24.06 22.42
C ASN F 140 -21.68 -22.91 22.87
N PHE F 141 -21.26 -21.67 22.56
CA PHE F 141 -22.04 -20.50 22.91
C PHE F 141 -22.49 -19.76 21.65
N TYR F 142 -23.54 -18.94 21.82
CA TYR F 142 -24.06 -18.09 20.76
C TYR F 142 -24.81 -16.93 21.39
N PRO F 143 -24.64 -15.70 20.90
CA PRO F 143 -23.84 -15.31 19.73
C PRO F 143 -22.32 -15.24 19.99
N ARG F 144 -21.60 -14.74 18.99
CA ARG F 144 -20.15 -14.82 18.96
C ARG F 144 -19.49 -13.97 20.05
N GLU F 145 -20.06 -12.81 20.33
CA GLU F 145 -19.41 -11.86 21.23
C GLU F 145 -19.27 -12.42 22.64
N ALA F 146 -18.05 -12.35 23.18
CA ALA F 146 -17.75 -12.90 24.49
C ALA F 146 -16.48 -12.23 25.02
N LYS F 147 -16.45 -11.95 26.31
CA LYS F 147 -15.28 -11.38 26.95
C LYS F 147 -14.69 -12.36 27.94
N VAL F 148 -13.36 -12.50 27.90
CA VAL F 148 -12.61 -13.39 28.78
C VAL F 148 -11.56 -12.56 29.48
N GLN F 149 -11.54 -12.61 30.81
CA GLN F 149 -10.51 -11.94 31.61
C GLN F 149 -9.81 -12.96 32.49
N TRP F 150 -8.51 -12.77 32.68
CA TRP F 150 -7.70 -13.60 33.55
C TRP F 150 -7.40 -12.86 34.84
N LYS F 151 -7.48 -13.56 35.95
CA LYS F 151 -7.12 -13.01 37.25
C LYS F 151 -6.14 -13.97 37.90
N VAL F 152 -4.99 -13.44 38.34
CA VAL F 152 -3.96 -14.24 39.00
C VAL F 152 -3.82 -13.67 40.40
N ASP F 153 -4.20 -14.47 41.40
CA ASP F 153 -4.30 -13.99 42.79
C ASP F 153 -5.16 -12.74 42.86
N ASN F 154 -6.29 -12.77 42.15
CA ASN F 154 -7.30 -11.72 42.08
C ASN F 154 -6.82 -10.48 41.34
N ALA F 155 -5.58 -10.44 40.87
CA ALA F 155 -5.09 -9.32 40.07
C ALA F 155 -5.43 -9.55 38.61
N LEU F 156 -5.99 -8.53 37.97
CA LEU F 156 -6.33 -8.64 36.56
C LEU F 156 -5.06 -8.69 35.72
N GLN F 157 -5.02 -9.62 34.77
CA GLN F 157 -3.92 -9.76 33.83
C GLN F 157 -4.24 -9.03 32.53
N SER F 158 -3.19 -8.63 31.83
CA SER F 158 -3.34 -8.08 30.49
C SER F 158 -2.08 -8.39 29.68
N GLY F 159 -2.25 -8.46 28.36
CA GLY F 159 -1.14 -8.57 27.44
C GLY F 159 -0.48 -9.93 27.32
N ASN F 160 -0.85 -10.90 28.16
CA ASN F 160 -0.21 -12.21 28.13
C ASN F 160 -1.20 -13.33 27.83
N SER F 161 -2.33 -13.02 27.22
CA SER F 161 -3.30 -14.01 26.81
C SER F 161 -3.60 -13.83 25.32
N GLN F 162 -3.96 -14.93 24.68
CA GLN F 162 -4.36 -14.91 23.29
C GLN F 162 -5.57 -15.82 23.12
N GLU F 163 -6.49 -15.45 22.25
CA GLU F 163 -7.69 -16.25 22.11
C GLU F 163 -7.95 -16.58 20.64
N SER F 164 -8.54 -17.75 20.45
CA SER F 164 -8.89 -18.29 19.14
C SER F 164 -10.33 -18.78 19.21
N VAL F 165 -11.03 -18.69 18.09
CA VAL F 165 -12.43 -19.08 18.03
C VAL F 165 -12.63 -19.98 16.82
N THR F 166 -13.49 -20.98 16.96
CA THR F 166 -13.86 -21.82 15.82
C THR F 166 -14.87 -21.09 14.95
N GLU F 167 -15.08 -21.63 13.76
CA GLU F 167 -16.22 -21.23 12.96
C GLU F 167 -17.48 -21.89 13.51
N GLN F 168 -18.65 -21.45 13.03
CA GLN F 168 -19.90 -21.99 13.52
C GLN F 168 -19.96 -23.51 13.35
N ASP F 169 -20.37 -24.20 14.42
CA ASP F 169 -20.42 -25.66 14.39
C ASP F 169 -21.40 -26.16 13.34
N SER F 170 -21.01 -27.22 12.63
CA SER F 170 -21.81 -27.73 11.52
C SER F 170 -23.19 -28.23 11.96
N LYS F 171 -23.35 -28.63 13.22
CA LYS F 171 -24.59 -29.22 13.69
C LYS F 171 -25.45 -28.27 14.49
N ASP F 172 -24.88 -27.58 15.49
CA ASP F 172 -25.67 -26.71 16.36
C ASP F 172 -25.40 -25.22 16.13
N SER F 173 -24.49 -24.87 15.22
CA SER F 173 -24.21 -23.48 14.83
C SER F 173 -23.67 -22.63 15.99
N THR F 174 -23.04 -23.25 16.99
CA THR F 174 -22.47 -22.50 18.09
C THR F 174 -20.99 -22.18 17.84
N TYR F 175 -20.45 -21.34 18.70
CA TYR F 175 -19.03 -20.99 18.68
C TYR F 175 -18.33 -21.61 19.88
N SER F 176 -17.04 -21.87 19.72
CA SER F 176 -16.18 -22.27 20.81
C SER F 176 -14.95 -21.38 20.80
N LEU F 177 -14.45 -21.07 21.99
CA LEU F 177 -13.35 -20.12 22.14
C LEU F 177 -12.36 -20.65 23.16
N SER F 178 -11.07 -20.52 22.85
CA SER F 178 -9.99 -20.80 23.78
C SER F 178 -9.23 -19.51 24.07
N SER F 179 -8.93 -19.29 25.33
CA SER F 179 -8.02 -18.22 25.74
C SER F 179 -6.86 -18.89 26.46
N THR F 180 -5.64 -18.56 26.04
CA THR F 180 -4.44 -19.24 26.54
C THR F 180 -3.51 -18.21 27.19
N LEU F 181 -3.28 -18.39 28.48
CA LEU F 181 -2.39 -17.53 29.24
C LEU F 181 -1.03 -18.21 29.33
N THR F 182 0.00 -17.55 28.83
CA THR F 182 1.35 -18.12 28.75
C THR F 182 2.24 -17.46 29.79
N LEU F 183 2.88 -18.28 30.63
CA LEU F 183 3.76 -17.75 31.67
C LEU F 183 5.02 -18.60 31.77
N SER F 184 6.06 -17.98 32.31
CA SER F 184 7.23 -18.72 32.76
C SER F 184 6.83 -19.67 33.89
N LYS F 185 7.57 -20.77 34.02
CA LYS F 185 7.38 -21.62 35.18
C LYS F 185 7.61 -20.83 36.47
N ALA F 186 8.67 -20.02 36.49
CA ALA F 186 8.96 -19.21 37.67
C ALA F 186 7.79 -18.31 38.03
N ASP F 187 7.27 -17.54 37.06
CA ASP F 187 6.14 -16.66 37.35
C ASP F 187 4.90 -17.47 37.72
N TYR F 188 4.76 -18.66 37.13
CA TYR F 188 3.61 -19.50 37.46
C TYR F 188 3.66 -19.92 38.92
N GLU F 189 4.86 -20.16 39.45
CA GLU F 189 4.99 -20.62 40.83
C GLU F 189 4.95 -19.49 41.86
N LYS F 190 4.97 -18.23 41.43
CA LYS F 190 4.92 -17.13 42.38
C LYS F 190 3.49 -16.78 42.79
N HIS F 191 2.49 -17.46 42.23
CA HIS F 191 1.10 -17.17 42.53
C HIS F 191 0.32 -18.48 42.64
N LYS F 192 -0.84 -18.42 43.28
CA LYS F 192 -1.61 -19.62 43.58
C LYS F 192 -2.96 -19.70 42.88
N VAL F 193 -3.74 -18.63 42.86
CA VAL F 193 -5.11 -18.68 42.34
C VAL F 193 -5.11 -18.20 40.90
N TYR F 194 -5.54 -19.07 39.99
CA TYR F 194 -5.68 -18.75 38.58
C TYR F 194 -7.15 -18.81 38.21
N ALA F 195 -7.68 -17.72 37.67
CA ALA F 195 -9.11 -17.62 37.46
C ALA F 195 -9.40 -17.00 36.09
N CYS F 196 -10.38 -17.58 35.41
CA CYS F 196 -10.86 -17.14 34.11
C CYS F 196 -12.29 -16.67 34.30
N GLU F 197 -12.59 -15.42 33.92
CA GLU F 197 -13.92 -14.84 34.09
C GLU F 197 -14.52 -14.52 32.72
N VAL F 198 -15.70 -15.06 32.46
CA VAL F 198 -16.30 -15.04 31.13
C VAL F 198 -17.60 -14.23 31.17
N THR F 199 -17.69 -13.21 30.32
CA THR F 199 -18.91 -12.44 30.14
C THR F 199 -19.56 -12.83 28.83
N HIS F 200 -20.86 -13.17 28.89
CA HIS F 200 -21.63 -13.51 27.70
C HIS F 200 -23.10 -13.23 27.98
N GLN F 201 -23.82 -12.78 26.94
CA GLN F 201 -25.20 -12.34 27.15
C GLN F 201 -26.14 -13.49 27.51
N GLY F 202 -25.72 -14.74 27.34
CA GLY F 202 -26.48 -15.88 27.84
C GLY F 202 -26.38 -16.10 29.33
N LEU F 203 -25.59 -15.30 30.02
CA LEU F 203 -25.37 -15.45 31.46
C LEU F 203 -25.91 -14.24 32.19
N SER F 204 -26.54 -14.49 33.34
CA SER F 204 -27.10 -13.40 34.14
C SER F 204 -26.02 -12.53 34.77
N SER F 205 -24.79 -13.03 34.84
CA SER F 205 -23.63 -12.29 35.30
C SER F 205 -22.39 -13.04 34.86
N PRO F 206 -21.22 -12.39 34.84
CA PRO F 206 -20.00 -13.11 34.43
C PRO F 206 -19.71 -14.29 35.35
N VAL F 207 -19.20 -15.37 34.76
CA VAL F 207 -18.95 -16.60 35.50
C VAL F 207 -17.45 -16.83 35.58
N THR F 208 -16.99 -17.27 36.75
CA THR F 208 -15.57 -17.46 37.02
C THR F 208 -15.30 -18.94 37.26
N LYS F 209 -14.30 -19.46 36.56
CA LYS F 209 -13.74 -20.78 36.86
C LYS F 209 -12.29 -20.60 37.31
N SER F 210 -11.89 -21.33 38.35
CA SER F 210 -10.57 -21.12 38.92
C SER F 210 -9.98 -22.44 39.41
N PHE F 211 -8.68 -22.42 39.64
CA PHE F 211 -7.99 -23.50 40.34
C PHE F 211 -6.88 -22.91 41.20
N ASN F 212 -6.46 -23.67 42.20
CA ASN F 212 -5.31 -23.35 43.03
C ASN F 212 -4.14 -24.19 42.53
N ARG F 213 -3.04 -23.53 42.16
CA ARG F 213 -1.86 -24.25 41.71
C ARG F 213 -1.43 -25.24 42.77
N GLY F 214 -1.33 -26.52 42.39
CA GLY F 214 -0.89 -27.56 43.29
C GLY F 214 -2.00 -28.33 44.01
N GLU F 215 -3.26 -27.92 43.87
CA GLU F 215 -4.35 -28.63 44.52
C GLU F 215 -4.67 -29.92 43.79
C1 NAG G . 31.10 10.63 -25.39
C2 NAG G . 32.64 10.68 -25.37
C3 NAG G . 33.22 9.86 -26.53
C4 NAG G . 32.58 8.47 -26.61
C5 NAG G . 31.06 8.58 -26.55
C6 NAG G . 30.37 7.23 -26.53
C7 NAG G . 33.47 12.75 -24.35
C8 NAG G . 33.91 14.17 -24.60
N2 NAG G . 33.10 12.06 -25.43
O3 NAG G . 34.63 9.74 -26.36
O4 NAG G . 32.89 7.88 -27.86
O5 NAG G . 30.68 9.29 -25.37
O6 NAG G . 30.85 6.40 -25.48
O7 NAG G . 33.47 12.26 -23.23
C1 NAG G . 33.81 6.79 -27.77
C2 NAG G . 33.70 5.96 -29.06
C3 NAG G . 34.80 4.92 -29.16
C4 NAG G . 36.17 5.54 -28.90
C5 NAG G . 36.13 6.27 -27.57
C6 NAG G . 37.44 6.95 -27.22
C7 NAG G . 31.37 5.81 -29.86
C8 NAG G . 30.10 5.02 -29.83
N2 NAG G . 32.39 5.32 -29.14
O3 NAG G . 34.77 4.35 -30.46
O4 NAG G . 37.16 4.52 -28.85
O5 NAG G . 35.13 7.28 -27.62
O6 NAG G . 37.68 8.08 -28.04
O7 NAG G . 31.47 6.87 -30.50
C1 BMA G . 37.93 4.50 -30.06
C2 BMA G . 39.23 3.82 -29.68
C3 BMA G . 40.06 3.49 -30.93
C4 BMA G . 39.20 2.74 -31.98
C5 BMA G . 37.93 3.56 -32.30
C6 BMA G . 36.98 2.79 -33.21
O2 BMA G . 38.98 2.59 -29.00
O3 BMA G . 41.19 2.69 -30.56
O4 BMA G . 39.94 2.53 -33.18
O5 BMA G . 37.22 3.78 -31.07
O6 BMA G . 36.83 1.48 -32.65
C1 MAN G . 42.38 3.49 -30.46
C2 MAN G . 43.57 2.50 -30.39
C3 MAN G . 43.55 1.74 -29.09
C4 MAN G . 43.51 2.70 -27.88
C5 MAN G . 42.35 3.72 -28.02
C6 MAN G . 42.41 4.82 -26.97
O2 MAN G . 44.81 3.19 -30.38
O3 MAN G . 44.68 0.88 -28.97
O4 MAN G . 43.32 1.96 -26.70
O5 MAN G . 42.37 4.35 -29.33
O6 MAN G . 41.15 5.50 -26.95
C1 MAN G . 36.17 0.56 -33.56
C2 MAN G . 36.15 -0.82 -32.85
C3 MAN G . 37.56 -1.43 -32.82
C4 MAN G . 38.19 -1.47 -34.22
C5 MAN G . 38.18 -0.07 -34.85
C6 MAN G . 38.66 -0.05 -36.29
O2 MAN G . 35.32 -1.77 -33.53
O3 MAN G . 37.58 -2.72 -32.23
O4 MAN G . 39.54 -1.93 -34.15
O5 MAN G . 36.83 0.48 -34.84
O6 MAN G . 38.09 1.09 -36.94
C1 NAG H . 7.28 -22.40 -22.92
C2 NAG H . 8.82 -22.45 -22.97
C3 NAG H . 9.28 -23.37 -24.11
C4 NAG H . 8.57 -24.72 -24.05
C5 NAG H . 7.06 -24.50 -23.93
C6 NAG H . 6.29 -25.79 -23.78
C7 NAG H . 9.77 -20.36 -22.10
C8 NAG H . 10.32 -19.01 -22.45
N2 NAG H . 9.38 -21.12 -23.13
O3 NAG H . 10.69 -23.55 -24.01
O4 NAG H . 8.77 -25.44 -25.27
O5 NAG H . 6.77 -23.71 -22.78
O6 NAG H . 6.46 -26.34 -22.48
O7 NAG H . 9.67 -20.75 -20.94
C1 NAG H . 9.78 -26.46 -25.18
C2 NAG H . 9.57 -27.42 -26.36
C3 NAG H . 10.71 -28.43 -26.46
C4 NAG H . 12.06 -27.73 -26.43
C5 NAG H . 12.13 -26.84 -25.20
C6 NAG H . 13.42 -26.03 -25.13
C7 NAG H . 7.19 -27.70 -26.92
C8 NAG H . 5.97 -28.54 -26.70
N2 NAG H . 8.29 -28.10 -26.27
O3 NAG H . 10.59 -29.18 -27.66
O4 NAG H . 13.10 -28.71 -26.38
O5 NAG H . 11.06 -25.89 -25.24
O6 NAG H . 13.49 -25.08 -26.19
O7 NAG H . 7.19 -26.71 -27.64
C1 BMA H . 13.77 -28.83 -27.65
C2 BMA H . 15.23 -29.18 -27.34
C3 BMA H . 16.00 -29.54 -28.62
C4 BMA H . 15.23 -30.53 -29.49
C5 BMA H . 13.80 -30.03 -29.75
C6 BMA H . 12.98 -31.04 -30.54
O2 BMA H . 15.30 -30.32 -26.48
O3 BMA H . 17.30 -30.08 -28.32
O4 BMA H . 15.91 -30.72 -30.73
O5 BMA H . 13.14 -29.81 -28.47
O6 BMA H . 13.18 -32.32 -29.97
C1 MAN H . 18.31 -29.06 -28.41
C2 MAN H . 19.66 -29.76 -28.62
C3 MAN H . 19.98 -30.61 -27.39
C4 MAN H . 19.88 -29.80 -26.08
C5 MAN H . 18.53 -29.07 -26.01
C6 MAN H . 18.43 -28.10 -24.85
O2 MAN H . 20.72 -28.81 -28.75
O3 MAN H . 21.26 -31.19 -27.50
O4 MAN H . 20.00 -30.67 -24.96
O5 MAN H . 18.34 -28.31 -27.22
O6 MAN H . 17.12 -27.52 -24.86
#